data_1QPB
#
_entry.id   1QPB
#
_cell.length_a   145.049
_cell.length_b   119.700
_cell.length_c   81.283
_cell.angle_alpha   90.00
_cell.angle_beta   120.21
_cell.angle_gamma   90.00
#
_symmetry.space_group_name_H-M   'C 1 2 1'
#
loop_
_entity.id
_entity.type
_entity.pdbx_description
1 polymer 'PYRUVATE DECARBOXYLASE (FORM B)'
2 non-polymer 'THIAMINE DIPHOSPHATE'
3 non-polymer 'MAGNESIUM ION'
4 non-polymer PYRUVAMIDE
5 water water
#
_entity_poly.entity_id   1
_entity_poly.type   'polypeptide(L)'
_entity_poly.pdbx_seq_one_letter_code
;MSEITLGKYLFERLKQVNVNTVFGLPGDFNLSLLDKIYEVEGMRWAGNANELNAAYAADGYARIKGMSCIITTFGVGELS
ALNGIAGSYAEHVGVLHVVGVPSISAQAKQLLLHHTLGNGDFTVFHRMSANISETTAMITDIATAPAEIDRCIRTTYVTQ
RPVYLGLPANLVDLNVPAKLLQTPIDMSLKPNDAESEKEVIDTILVLIKDAKNPVILADACCSRHDVKAETKKLIDLTQF
PAFVTPMGKGSIDEQHPRYGGVYVGTLSKPEVKEAVESADLILSVGALLSDFNTGSFSYSYKTKNIVEFHSDHMKIRNAT
FPGVQMKFVLQKLLTAIADAAKGYKPVAVPARTPANAAVPASTPLKQEWMWNQLGNFLQEGDVVIAETGTSAFGINQTTF
PNNTYGISQVLWGSIGFTTGATLGAAFAAEEIDPKKRVILFIGDGSLQLTVQEISTMIRWGLKPYLFVLNNDGYTIEKLI
HGPKAQYNEIQGWDHLSLLPTFGAKDYETHRVATTGEWDKLTQDKSFNDNSKIRMIEVMLPVFDAPQNLVEQAKLTAATN
AKQ
;
_entity_poly.pdbx_strand_id   A,B
#
# COMPACT_ATOMS: atom_id res chain seq x y z
N SER A 2 -10.44 25.88 -32.89
CA SER A 2 -10.57 25.96 -31.41
C SER A 2 -9.61 24.96 -30.79
N GLU A 3 -9.33 25.14 -29.50
CA GLU A 3 -8.40 24.27 -28.80
C GLU A 3 -8.97 23.65 -27.53
N ILE A 4 -8.13 22.85 -26.86
CA ILE A 4 -8.51 22.20 -25.61
C ILE A 4 -7.23 21.74 -24.89
N THR A 5 -7.19 21.89 -23.57
CA THR A 5 -6.01 21.48 -22.81
C THR A 5 -5.85 19.97 -22.78
N LEU A 6 -4.61 19.50 -22.84
CA LEU A 6 -4.33 18.08 -22.81
C LEU A 6 -5.10 17.45 -21.64
N GLY A 7 -5.02 18.10 -20.48
CA GLY A 7 -5.72 17.63 -19.30
C GLY A 7 -7.19 17.34 -19.52
N LYS A 8 -7.87 18.25 -20.22
CA LYS A 8 -9.28 18.04 -20.51
C LYS A 8 -9.45 16.99 -21.61
N TYR A 9 -8.49 16.94 -22.53
CA TYR A 9 -8.53 15.98 -23.64
C TYR A 9 -8.48 14.55 -23.12
N LEU A 10 -7.71 14.34 -22.06
CA LEU A 10 -7.60 13.02 -21.45
C LEU A 10 -8.95 12.56 -20.91
N PHE A 11 -9.61 13.42 -20.15
CA PHE A 11 -10.90 13.07 -19.58
C PHE A 11 -12.00 13.01 -20.62
N GLU A 12 -11.80 13.70 -21.73
CA GLU A 12 -12.78 13.71 -22.78
C GLU A 12 -12.66 12.38 -23.50
N ARG A 13 -11.45 11.88 -23.53
CA ARG A 13 -11.18 10.62 -24.20
C ARG A 13 -11.71 9.49 -23.33
N LEU A 14 -11.44 9.61 -22.03
CA LEU A 14 -11.89 8.60 -21.08
C LEU A 14 -13.41 8.50 -21.09
N LYS A 15 -14.07 9.62 -21.37
CA LYS A 15 -15.52 9.65 -21.41
C LYS A 15 -16.02 8.81 -22.59
N GLN A 16 -15.44 9.07 -23.77
CA GLN A 16 -15.82 8.36 -24.98
C GLN A 16 -15.77 6.83 -24.87
N VAL A 17 -14.83 6.27 -24.11
CA VAL A 17 -14.79 4.81 -23.99
C VAL A 17 -15.58 4.38 -22.77
N ASN A 18 -16.30 5.33 -22.18
CA ASN A 18 -17.12 5.09 -21.02
C ASN A 18 -16.50 4.87 -19.65
N VAL A 19 -15.32 5.42 -19.40
CA VAL A 19 -14.70 5.30 -18.08
C VAL A 19 -15.24 6.56 -17.44
N ASN A 20 -16.45 6.46 -16.89
CA ASN A 20 -17.11 7.60 -16.28
C ASN A 20 -16.56 8.00 -14.92
N THR A 21 -15.96 7.04 -14.21
CA THR A 21 -15.41 7.34 -12.90
C THR A 21 -13.88 7.23 -12.91
N VAL A 22 -13.19 8.10 -12.17
CA VAL A 22 -11.74 8.07 -12.09
C VAL A 22 -11.35 7.87 -10.63
N PHE A 23 -10.34 7.03 -10.38
CA PHE A 23 -9.90 6.70 -9.02
C PHE A 23 -8.54 7.24 -8.62
N GLY A 24 -8.28 7.26 -7.32
CA GLY A 24 -7.01 7.78 -6.83
C GLY A 24 -7.13 8.87 -5.78
N LEU A 25 -6.03 9.57 -5.51
CA LEU A 25 -6.03 10.66 -4.53
C LEU A 25 -5.23 11.84 -5.05
N PRO A 26 -5.61 13.06 -4.63
CA PRO A 26 -4.92 14.27 -5.06
C PRO A 26 -3.51 14.36 -4.49
N GLY A 27 -2.62 14.99 -5.24
CA GLY A 27 -1.25 15.12 -4.78
C GLY A 27 -0.54 16.37 -5.28
N ASP A 28 0.69 16.55 -4.82
CA ASP A 28 1.47 17.72 -5.19
C ASP A 28 1.85 17.80 -6.67
N PHE A 29 1.29 16.93 -7.52
CA PHE A 29 1.64 16.98 -8.93
C PHE A 29 0.53 16.67 -9.94
N ASN A 30 -0.68 16.42 -9.44
CA ASN A 30 -1.81 16.12 -10.32
C ASN A 30 -2.95 17.11 -10.06
N LEU A 31 -2.80 17.91 -9.02
CA LEU A 31 -3.81 18.89 -8.65
C LEU A 31 -4.44 19.64 -9.83
N SER A 32 -3.63 20.11 -10.77
CA SER A 32 -4.19 20.85 -11.90
C SER A 32 -4.94 19.95 -12.87
N LEU A 33 -4.40 18.76 -13.10
CA LEU A 33 -5.04 17.83 -14.01
C LEU A 33 -6.44 17.52 -13.47
N LEU A 34 -6.52 17.18 -12.19
CA LEU A 34 -7.78 16.82 -11.58
C LEU A 34 -8.90 17.84 -11.76
N ASP A 35 -8.57 19.09 -12.01
CA ASP A 35 -9.62 20.09 -12.21
C ASP A 35 -10.38 19.86 -13.51
N LYS A 36 -9.69 19.37 -14.52
CA LYS A 36 -10.29 19.12 -15.82
C LYS A 36 -11.37 18.03 -15.80
N ILE A 37 -11.24 17.06 -14.91
CA ILE A 37 -12.27 16.00 -14.83
C ILE A 37 -13.61 16.66 -14.61
N TYR A 38 -13.62 17.66 -13.73
CA TYR A 38 -14.83 18.37 -13.40
C TYR A 38 -15.36 19.19 -14.58
N GLU A 39 -14.53 19.36 -15.61
CA GLU A 39 -14.92 20.12 -16.77
C GLU A 39 -15.60 19.27 -17.83
N VAL A 40 -15.89 18.02 -17.47
CA VAL A 40 -16.49 17.11 -18.43
C VAL A 40 -17.73 16.50 -17.85
N GLU A 41 -18.87 16.68 -18.54
CA GLU A 41 -20.18 16.12 -18.09
C GLU A 41 -20.17 14.60 -17.93
N GLY A 42 -20.70 14.11 -16.80
CA GLY A 42 -20.78 12.66 -16.55
C GLY A 42 -19.64 12.06 -15.87
N MET A 43 -18.63 12.90 -15.61
CA MET A 43 -17.40 12.39 -15.02
C MET A 43 -17.34 12.68 -13.56
N ARG A 44 -16.87 11.73 -12.74
CA ARG A 44 -16.73 11.96 -11.30
C ARG A 44 -15.38 11.50 -10.70
N TRP A 45 -15.09 11.96 -9.48
CA TRP A 45 -13.86 11.62 -8.78
C TRP A 45 -14.17 10.78 -7.55
N ALA A 46 -13.89 9.49 -7.64
CA ALA A 46 -14.14 8.57 -6.54
C ALA A 46 -13.96 9.21 -5.16
N GLY A 47 -12.78 9.76 -4.89
CA GLY A 47 -12.52 10.37 -3.60
C GLY A 47 -12.05 9.32 -2.61
N ASN A 48 -11.17 8.44 -3.08
CA ASN A 48 -10.64 7.34 -2.27
C ASN A 48 -9.95 7.74 -0.98
N ALA A 49 -9.87 6.80 -0.04
CA ALA A 49 -9.25 7.03 1.24
C ALA A 49 -7.93 6.31 1.32
N ASN A 50 -7.46 5.84 0.16
CA ASN A 50 -6.25 5.05 0.12
C ASN A 50 -5.87 4.71 -1.34
N GLU A 51 -4.61 4.92 -1.71
CA GLU A 51 -4.19 4.62 -3.07
C GLU A 51 -4.33 3.13 -3.44
N LEU A 52 -3.96 2.25 -2.51
CA LEU A 52 -4.06 0.81 -2.71
C LEU A 52 -5.53 0.50 -2.96
N ASN A 53 -6.39 0.91 -2.04
CA ASN A 53 -7.82 0.69 -2.18
C ASN A 53 -8.27 1.30 -3.52
N ALA A 54 -7.74 2.47 -3.85
CA ALA A 54 -8.10 3.10 -5.12
C ALA A 54 -7.80 2.14 -6.27
N ALA A 55 -6.63 1.50 -6.18
CA ALA A 55 -6.18 0.57 -7.19
C ALA A 55 -7.05 -0.67 -7.22
N TYR A 56 -7.42 -1.17 -6.04
CA TYR A 56 -8.29 -2.34 -5.96
C TYR A 56 -9.61 -1.92 -6.64
N ALA A 57 -10.10 -0.75 -6.25
CA ALA A 57 -11.33 -0.20 -6.81
C ALA A 57 -11.28 -0.06 -8.34
N ALA A 58 -10.14 0.39 -8.87
CA ALA A 58 -10.03 0.56 -10.31
C ALA A 58 -10.13 -0.81 -10.96
N ASP A 59 -9.70 -1.84 -10.23
CA ASP A 59 -9.74 -3.20 -10.75
C ASP A 59 -11.19 -3.65 -10.86
N GLY A 60 -11.89 -3.62 -9.71
CA GLY A 60 -13.29 -4.02 -9.64
C GLY A 60 -14.14 -3.32 -10.68
N TYR A 61 -13.88 -2.04 -10.87
CA TYR A 61 -14.62 -1.25 -11.84
C TYR A 61 -14.32 -1.69 -13.26
N ALA A 62 -13.06 -2.04 -13.56
CA ALA A 62 -12.68 -2.44 -14.91
C ALA A 62 -13.28 -3.79 -15.24
N ARG A 63 -13.55 -4.55 -14.20
CA ARG A 63 -14.13 -5.86 -14.38
C ARG A 63 -15.61 -5.76 -14.81
N ILE A 64 -16.32 -4.80 -14.23
CA ILE A 64 -17.75 -4.59 -14.54
C ILE A 64 -18.00 -3.62 -15.68
N LYS A 65 -17.14 -2.63 -15.85
CA LYS A 65 -17.38 -1.63 -16.86
C LYS A 65 -16.63 -1.80 -18.18
N GLY A 66 -15.45 -2.40 -18.14
CA GLY A 66 -14.71 -2.59 -19.38
C GLY A 66 -13.24 -2.32 -19.21
N MET A 67 -12.92 -1.17 -18.62
CA MET A 67 -11.56 -0.75 -18.33
C MET A 67 -11.77 0.38 -17.33
N SER A 68 -10.68 0.87 -16.75
CA SER A 68 -10.78 1.94 -15.77
C SER A 68 -9.51 2.78 -15.72
N CYS A 69 -9.55 3.83 -14.91
CA CYS A 69 -8.42 4.72 -14.78
C CYS A 69 -8.24 5.20 -13.34
N ILE A 70 -7.00 5.22 -12.88
CA ILE A 70 -6.67 5.68 -11.54
C ILE A 70 -5.50 6.66 -11.65
N ILE A 71 -5.57 7.73 -10.86
CA ILE A 71 -4.54 8.78 -10.84
C ILE A 71 -3.91 8.90 -9.46
N THR A 72 -2.58 8.85 -9.42
CA THR A 72 -1.89 9.00 -8.15
C THR A 72 -0.87 10.12 -8.30
N THR A 73 -0.16 10.44 -7.23
CA THR A 73 0.84 11.49 -7.32
C THR A 73 2.25 10.91 -7.19
N PHE A 74 3.19 11.54 -7.90
CA PHE A 74 4.60 11.14 -7.93
C PHE A 74 5.11 10.46 -6.67
N GLY A 75 5.91 9.42 -6.87
CA GLY A 75 6.49 8.69 -5.74
C GLY A 75 5.53 8.09 -4.72
N VAL A 76 5.09 8.92 -3.76
CA VAL A 76 4.19 8.48 -2.68
C VAL A 76 2.89 7.82 -3.14
N GLY A 77 2.12 8.51 -3.95
CA GLY A 77 0.86 7.96 -4.40
C GLY A 77 0.98 6.77 -5.35
N GLU A 78 1.89 6.85 -6.33
CA GLU A 78 2.04 5.78 -7.30
C GLU A 78 2.59 4.50 -6.72
N LEU A 79 3.55 4.59 -5.79
CA LEU A 79 4.11 3.38 -5.18
C LEU A 79 3.16 2.79 -4.14
N SER A 80 2.12 3.51 -3.79
CA SER A 80 1.18 2.99 -2.82
C SER A 80 0.20 2.02 -3.48
N ALA A 81 0.06 2.16 -4.79
CA ALA A 81 -0.89 1.33 -5.54
C ALA A 81 -0.29 0.16 -6.32
N LEU A 82 0.98 -0.16 -6.10
CA LEU A 82 1.56 -1.24 -6.86
C LEU A 82 1.00 -2.63 -6.65
N ASN A 83 0.57 -2.97 -5.43
CA ASN A 83 0.00 -4.29 -5.22
C ASN A 83 -1.24 -4.39 -6.10
N GLY A 84 -2.14 -3.42 -5.98
CA GLY A 84 -3.34 -3.43 -6.81
C GLY A 84 -3.03 -3.59 -8.30
N ILE A 85 -2.14 -2.76 -8.81
CA ILE A 85 -1.76 -2.82 -10.21
C ILE A 85 -1.30 -4.22 -10.62
N ALA A 86 -0.31 -4.77 -9.90
CA ALA A 86 0.21 -6.08 -10.23
C ALA A 86 -0.92 -7.11 -10.37
N GLY A 87 -1.83 -7.11 -9.40
CA GLY A 87 -2.94 -8.03 -9.43
C GLY A 87 -3.76 -7.86 -10.70
N SER A 88 -3.96 -6.61 -11.11
CA SER A 88 -4.71 -6.40 -12.32
C SER A 88 -3.91 -6.93 -13.51
N TYR A 89 -2.59 -6.89 -13.40
CA TYR A 89 -1.72 -7.39 -14.47
C TYR A 89 -1.75 -8.91 -14.58
N ALA A 90 -1.86 -9.56 -13.43
CA ALA A 90 -1.86 -11.01 -13.40
C ALA A 90 -3.17 -11.62 -13.87
N GLU A 91 -4.30 -11.06 -13.46
CA GLU A 91 -5.60 -11.62 -13.84
C GLU A 91 -6.24 -10.86 -14.99
N HIS A 92 -5.37 -10.26 -15.80
CA HIS A 92 -5.74 -9.51 -16.99
C HIS A 92 -6.88 -8.51 -16.92
N VAL A 93 -6.69 -7.46 -16.14
CA VAL A 93 -7.71 -6.43 -16.03
C VAL A 93 -7.14 -5.16 -16.68
N GLY A 94 -7.99 -4.43 -17.41
CA GLY A 94 -7.55 -3.23 -18.09
C GLY A 94 -7.61 -2.00 -17.21
N VAL A 95 -6.49 -1.70 -16.56
CA VAL A 95 -6.40 -0.54 -15.69
C VAL A 95 -5.33 0.45 -16.16
N LEU A 96 -5.77 1.68 -16.38
CA LEU A 96 -4.87 2.72 -16.82
C LEU A 96 -4.37 3.44 -15.57
N HIS A 97 -3.06 3.57 -15.44
CA HIS A 97 -2.49 4.26 -14.30
C HIS A 97 -1.80 5.53 -14.77
N VAL A 98 -2.42 6.67 -14.49
CA VAL A 98 -1.86 7.96 -14.86
C VAL A 98 -1.25 8.59 -13.62
N VAL A 99 -0.07 9.16 -13.77
CA VAL A 99 0.59 9.76 -12.64
C VAL A 99 1.14 11.15 -12.93
N GLY A 100 0.75 12.10 -12.07
CA GLY A 100 1.21 13.48 -12.18
C GLY A 100 2.67 13.49 -11.80
N VAL A 101 3.50 13.99 -12.71
CA VAL A 101 4.95 14.06 -12.53
C VAL A 101 5.44 15.50 -12.65
N PRO A 102 6.48 15.87 -11.88
CA PRO A 102 6.99 17.23 -11.96
C PRO A 102 7.44 17.57 -13.38
N SER A 103 7.30 18.85 -13.74
CA SER A 103 7.65 19.37 -15.06
C SER A 103 8.99 18.93 -15.65
N ILE A 104 8.96 17.88 -16.45
CA ILE A 104 10.16 17.35 -17.09
C ILE A 104 10.79 18.39 -18.01
N SER A 105 9.97 19.31 -18.51
CA SER A 105 10.45 20.36 -19.41
C SER A 105 11.04 21.53 -18.65
N ALA A 106 11.81 21.23 -17.61
CA ALA A 106 12.45 22.26 -16.79
C ALA A 106 13.92 22.39 -17.14
N GLN A 107 14.52 23.52 -16.78
CA GLN A 107 15.93 23.77 -17.05
C GLN A 107 16.78 23.52 -15.80
N ALA A 108 16.11 23.27 -14.68
CA ALA A 108 16.80 23.00 -13.42
C ALA A 108 16.69 21.52 -13.08
N LYS A 109 17.83 20.90 -12.80
CA LYS A 109 17.86 19.48 -12.47
C LYS A 109 18.11 19.25 -10.97
N GLN A 110 19.17 19.85 -10.46
CA GLN A 110 19.53 19.71 -9.05
C GLN A 110 18.70 20.63 -8.16
N LEU A 111 17.79 21.38 -8.77
CA LEU A 111 16.94 22.31 -8.03
C LEU A 111 15.49 21.81 -7.96
N LEU A 112 15.31 20.65 -7.33
CA LEU A 112 14.00 20.04 -7.19
C LEU A 112 14.11 18.82 -6.28
N LEU A 113 13.69 18.95 -5.04
CA LEU A 113 13.78 17.84 -4.08
C LEU A 113 12.55 17.71 -3.17
N HIS A 114 11.74 16.69 -3.42
CA HIS A 114 10.54 16.41 -2.62
C HIS A 114 9.72 15.26 -3.22
N HIS A 115 9.66 14.13 -2.50
CA HIS A 115 8.94 12.93 -2.96
C HIS A 115 9.85 12.13 -3.88
N THR A 116 11.13 12.07 -3.54
CA THR A 116 12.10 11.34 -4.34
C THR A 116 13.08 10.60 -3.44
N LEU A 117 13.82 9.66 -4.01
CA LEU A 117 14.80 8.89 -3.24
C LEU A 117 15.95 9.78 -2.80
N GLY A 118 15.98 11.02 -3.30
CA GLY A 118 17.02 11.95 -2.93
C GLY A 118 18.29 11.84 -3.76
N ASN A 119 18.34 10.86 -4.66
CA ASN A 119 19.51 10.64 -5.51
C ASN A 119 19.42 11.36 -6.86
N GLY A 120 18.31 12.04 -7.09
CA GLY A 120 18.12 12.77 -8.34
C GLY A 120 17.53 11.97 -9.49
N ASP A 121 17.36 10.67 -9.29
CA ASP A 121 16.81 9.76 -10.32
C ASP A 121 15.29 9.77 -10.36
N PHE A 122 14.72 10.31 -11.43
CA PHE A 122 13.27 10.39 -11.58
C PHE A 122 12.64 9.27 -12.40
N THR A 123 13.44 8.55 -13.17
CA THR A 123 12.89 7.48 -13.96
C THR A 123 12.69 6.24 -13.07
N VAL A 124 13.14 6.33 -11.83
CA VAL A 124 13.06 5.21 -10.89
C VAL A 124 11.66 4.63 -10.66
N PHE A 125 10.66 5.47 -10.46
CA PHE A 125 9.33 4.94 -10.22
C PHE A 125 8.66 4.42 -11.50
N HIS A 126 9.06 5.00 -12.63
CA HIS A 126 8.54 4.61 -13.93
C HIS A 126 9.12 3.23 -14.27
N ARG A 127 10.39 3.02 -13.99
CA ARG A 127 11.01 1.75 -14.29
C ARG A 127 10.39 0.63 -13.47
N MET A 128 10.00 0.95 -12.24
CA MET A 128 9.40 -0.06 -11.36
C MET A 128 8.09 -0.58 -11.93
N SER A 129 7.24 0.34 -12.41
CA SER A 129 5.96 -0.06 -12.97
C SER A 129 6.05 -0.75 -14.35
N ALA A 130 7.17 -0.59 -15.03
CA ALA A 130 7.31 -1.21 -16.34
C ALA A 130 7.22 -2.72 -16.22
N ASN A 131 7.57 -3.24 -15.04
CA ASN A 131 7.53 -4.68 -14.82
C ASN A 131 6.09 -5.22 -14.78
N ILE A 132 5.13 -4.36 -14.41
CA ILE A 132 3.76 -4.82 -14.34
C ILE A 132 2.83 -3.98 -15.20
N SER A 133 3.33 -3.62 -16.38
CA SER A 133 2.55 -2.83 -17.32
C SER A 133 2.69 -3.39 -18.73
N GLU A 134 1.58 -3.50 -19.45
CA GLU A 134 1.62 -4.02 -20.82
C GLU A 134 2.54 -3.12 -21.62
N THR A 135 2.54 -1.85 -21.28
CA THR A 135 3.38 -0.85 -21.92
C THR A 135 3.34 0.43 -21.06
N THR A 136 4.20 1.38 -21.39
CA THR A 136 4.26 2.64 -20.66
C THR A 136 4.60 3.73 -21.65
N ALA A 137 4.46 4.97 -21.19
CA ALA A 137 4.74 6.13 -22.00
C ALA A 137 4.85 7.35 -21.09
N MET A 138 5.99 8.02 -21.15
CA MET A 138 6.23 9.20 -20.35
C MET A 138 6.25 10.38 -21.32
N ILE A 139 5.13 11.10 -21.39
CA ILE A 139 4.99 12.22 -22.30
C ILE A 139 6.00 13.34 -22.05
N THR A 140 6.54 13.90 -23.14
CA THR A 140 7.51 14.98 -23.06
C THR A 140 7.15 16.26 -23.85
N ASP A 141 6.33 16.14 -24.89
CA ASP A 141 5.95 17.34 -25.66
C ASP A 141 4.56 17.21 -26.31
N ILE A 142 3.71 18.21 -26.11
CA ILE A 142 2.36 18.20 -26.66
C ILE A 142 2.29 17.81 -28.12
N ALA A 143 3.37 18.03 -28.87
CA ALA A 143 3.43 17.71 -30.28
C ALA A 143 2.80 16.36 -30.63
N THR A 144 2.96 15.38 -29.74
CA THR A 144 2.39 14.06 -29.95
C THR A 144 1.80 13.53 -28.66
N ALA A 145 1.49 14.44 -27.74
CA ALA A 145 0.94 14.05 -26.46
C ALA A 145 -0.44 13.42 -26.68
N PRO A 146 -1.26 13.99 -27.58
CA PRO A 146 -2.59 13.39 -27.79
C PRO A 146 -2.49 11.94 -28.26
N ALA A 147 -1.66 11.69 -29.27
CA ALA A 147 -1.48 10.34 -29.82
C ALA A 147 -1.09 9.37 -28.72
N GLU A 148 -0.12 9.75 -27.89
CA GLU A 148 0.33 8.90 -26.79
C GLU A 148 -0.81 8.51 -25.86
N ILE A 149 -1.65 9.48 -25.51
CA ILE A 149 -2.76 9.20 -24.65
C ILE A 149 -3.64 8.16 -25.33
N ASP A 150 -3.96 8.40 -26.60
CA ASP A 150 -4.80 7.47 -27.33
C ASP A 150 -4.17 6.09 -27.31
N ARG A 151 -2.88 6.01 -27.63
CA ARG A 151 -2.16 4.74 -27.66
C ARG A 151 -2.27 4.00 -26.32
N CYS A 152 -2.10 4.72 -25.22
CA CYS A 152 -2.21 4.10 -23.92
C CYS A 152 -3.62 3.55 -23.68
N ILE A 153 -4.63 4.37 -23.97
CA ILE A 153 -6.02 3.97 -23.78
C ILE A 153 -6.38 2.75 -24.64
N ARG A 154 -5.98 2.77 -25.91
CA ARG A 154 -6.28 1.64 -26.79
C ARG A 154 -5.65 0.34 -26.28
N THR A 155 -4.35 0.39 -26.00
CA THR A 155 -3.64 -0.79 -25.52
C THR A 155 -4.23 -1.36 -24.24
N THR A 156 -4.70 -0.49 -23.35
CA THR A 156 -5.31 -0.96 -22.11
C THR A 156 -6.54 -1.81 -22.40
N TYR A 157 -7.50 -1.21 -23.10
CA TYR A 157 -8.76 -1.88 -23.44
C TYR A 157 -8.55 -3.12 -24.34
N VAL A 158 -7.78 -2.92 -25.41
CA VAL A 158 -7.49 -3.95 -26.38
C VAL A 158 -6.81 -5.18 -25.79
N THR A 159 -5.82 -4.97 -24.92
CA THR A 159 -5.11 -6.09 -24.32
C THR A 159 -5.54 -6.45 -22.90
N GLN A 160 -6.42 -5.64 -22.32
CA GLN A 160 -6.88 -5.89 -20.95
C GLN A 160 -5.74 -6.10 -19.97
N ARG A 161 -4.79 -5.17 -20.00
CA ARG A 161 -3.65 -5.21 -19.08
C ARG A 161 -3.34 -3.78 -18.67
N PRO A 162 -2.68 -3.60 -17.53
CA PRO A 162 -2.34 -2.25 -17.04
C PRO A 162 -1.35 -1.48 -17.91
N VAL A 163 -1.58 -0.18 -18.03
CA VAL A 163 -0.71 0.69 -18.80
C VAL A 163 -0.27 1.87 -17.93
N TYR A 164 0.99 2.27 -18.07
CA TYR A 164 1.52 3.39 -17.29
C TYR A 164 1.69 4.64 -18.15
N LEU A 165 1.06 5.72 -17.70
CA LEU A 165 1.11 6.98 -18.43
C LEU A 165 1.67 8.11 -17.56
N GLY A 166 2.90 8.50 -17.83
CA GLY A 166 3.54 9.57 -17.08
C GLY A 166 3.18 10.95 -17.62
N LEU A 167 2.60 11.78 -16.77
CA LEU A 167 2.18 13.11 -17.21
C LEU A 167 2.84 14.27 -16.46
N PRO A 168 3.73 15.02 -17.13
CA PRO A 168 4.40 16.16 -16.47
C PRO A 168 3.38 17.29 -16.25
N ALA A 169 3.45 17.93 -15.08
CA ALA A 169 2.52 19.02 -14.73
C ALA A 169 2.41 20.16 -15.73
N ASN A 170 3.55 20.71 -16.14
CA ASN A 170 3.54 21.81 -17.09
C ASN A 170 2.80 21.47 -18.39
N LEU A 171 2.55 20.19 -18.63
CA LEU A 171 1.88 19.78 -19.85
C LEU A 171 0.35 19.75 -19.82
N VAL A 172 -0.23 19.61 -18.63
CA VAL A 172 -1.70 19.54 -18.55
C VAL A 172 -2.42 20.80 -19.02
N ASP A 173 -1.76 21.94 -18.96
CA ASP A 173 -2.43 23.18 -19.34
C ASP A 173 -2.07 23.76 -20.71
N LEU A 174 -1.47 22.95 -21.58
CA LEU A 174 -1.15 23.44 -22.93
C LEU A 174 -2.30 23.03 -23.84
N ASN A 175 -2.38 23.61 -25.03
CA ASN A 175 -3.50 23.25 -25.90
C ASN A 175 -3.15 22.33 -27.06
N VAL A 176 -4.15 21.53 -27.43
CA VAL A 176 -4.05 20.59 -28.53
C VAL A 176 -5.30 20.80 -29.35
N PRO A 177 -5.23 20.53 -30.65
CA PRO A 177 -6.38 20.70 -31.55
C PRO A 177 -7.62 19.92 -31.09
N ALA A 178 -8.67 20.63 -30.72
CA ALA A 178 -9.90 19.98 -30.27
C ALA A 178 -10.47 19.08 -31.34
N LYS A 179 -10.24 19.46 -32.60
CA LYS A 179 -10.72 18.71 -33.76
C LYS A 179 -10.40 17.23 -33.60
N LEU A 180 -9.33 16.94 -32.89
CA LEU A 180 -8.88 15.58 -32.68
C LEU A 180 -9.85 14.63 -31.98
N LEU A 181 -10.79 15.16 -31.21
CA LEU A 181 -11.72 14.28 -30.52
C LEU A 181 -12.91 13.91 -31.39
N GLN A 182 -12.94 14.39 -32.62
CA GLN A 182 -14.05 14.06 -33.52
C GLN A 182 -13.84 12.65 -34.05
N THR A 183 -12.61 12.16 -33.96
CA THR A 183 -12.30 10.81 -34.43
C THR A 183 -12.03 9.92 -33.23
N PRO A 184 -12.93 8.96 -32.96
CA PRO A 184 -12.78 8.06 -31.82
C PRO A 184 -11.51 7.22 -31.87
N ILE A 185 -11.20 6.60 -30.74
CA ILE A 185 -10.06 5.72 -30.60
C ILE A 185 -10.53 4.36 -31.11
N ASP A 186 -9.76 3.76 -32.03
CA ASP A 186 -10.13 2.45 -32.57
C ASP A 186 -9.91 1.30 -31.59
N MET A 187 -10.96 0.82 -30.95
CA MET A 187 -10.80 -0.28 -30.00
C MET A 187 -10.96 -1.63 -30.68
N SER A 188 -10.86 -1.63 -32.01
CA SER A 188 -11.01 -2.86 -32.80
C SER A 188 -9.70 -3.61 -32.95
N LEU A 189 -9.79 -4.95 -32.99
CA LEU A 189 -8.62 -5.80 -33.16
C LEU A 189 -8.46 -6.03 -34.66
N LYS A 190 -7.24 -6.02 -35.16
CA LYS A 190 -7.03 -6.26 -36.59
C LYS A 190 -7.24 -7.73 -36.90
N PRO A 191 -7.59 -8.06 -38.16
CA PRO A 191 -7.80 -9.47 -38.51
C PRO A 191 -6.51 -10.26 -38.42
N ASN A 192 -6.63 -11.51 -38.01
CA ASN A 192 -5.47 -12.38 -37.88
C ASN A 192 -4.85 -12.64 -39.24
N ASP A 193 -3.62 -13.13 -39.22
CA ASP A 193 -2.91 -13.44 -40.44
C ASP A 193 -3.62 -14.61 -41.08
N ALA A 194 -4.03 -14.43 -42.34
CA ALA A 194 -4.77 -15.43 -43.12
C ALA A 194 -4.38 -16.90 -42.95
N GLU A 195 -3.23 -17.29 -43.50
CA GLU A 195 -2.75 -18.67 -43.45
C GLU A 195 -2.57 -19.30 -42.05
N SER A 196 -2.34 -18.46 -41.04
CA SER A 196 -2.13 -18.95 -39.68
C SER A 196 -3.42 -19.36 -39.00
N GLU A 197 -4.38 -18.45 -39.00
CA GLU A 197 -5.68 -18.70 -38.41
C GLU A 197 -6.16 -20.00 -39.07
N LYS A 198 -5.94 -20.07 -40.39
CA LYS A 198 -6.32 -21.22 -41.20
C LYS A 198 -5.73 -22.52 -40.64
N GLU A 199 -4.41 -22.56 -40.53
CA GLU A 199 -3.74 -23.75 -40.01
C GLU A 199 -4.40 -24.13 -38.69
N VAL A 200 -4.67 -23.14 -37.86
CA VAL A 200 -5.30 -23.35 -36.56
C VAL A 200 -6.62 -24.10 -36.71
N ILE A 201 -7.45 -23.64 -37.63
CA ILE A 201 -8.73 -24.30 -37.85
C ILE A 201 -8.48 -25.75 -38.30
N ASP A 202 -7.87 -25.90 -39.47
CA ASP A 202 -7.57 -27.24 -39.99
C ASP A 202 -7.20 -28.18 -38.85
N THR A 203 -6.31 -27.69 -37.97
CA THR A 203 -5.82 -28.49 -36.86
C THR A 203 -6.84 -28.71 -35.76
N ILE A 204 -7.67 -27.71 -35.47
CA ILE A 204 -8.67 -27.86 -34.42
C ILE A 204 -9.74 -28.83 -34.87
N LEU A 205 -10.14 -28.74 -36.13
CA LEU A 205 -11.17 -29.60 -36.69
C LEU A 205 -10.79 -31.07 -36.60
N VAL A 206 -9.55 -31.37 -36.98
CA VAL A 206 -9.02 -32.73 -36.95
C VAL A 206 -9.03 -33.27 -35.53
N LEU A 207 -8.83 -32.39 -34.57
CA LEU A 207 -8.82 -32.76 -33.15
C LEU A 207 -10.24 -33.02 -32.66
N ILE A 208 -11.19 -32.21 -33.14
CA ILE A 208 -12.58 -32.35 -32.73
C ILE A 208 -13.13 -33.66 -33.27
N LYS A 209 -12.60 -34.10 -34.40
CA LYS A 209 -13.04 -35.35 -35.02
C LYS A 209 -12.48 -36.62 -34.36
N ASP A 210 -11.22 -36.58 -33.98
CA ASP A 210 -10.60 -37.74 -33.35
C ASP A 210 -10.97 -37.87 -31.87
N ALA A 211 -11.60 -36.84 -31.32
CA ALA A 211 -11.96 -36.90 -29.92
C ALA A 211 -13.20 -37.75 -29.75
N LYS A 212 -13.33 -38.39 -28.59
CA LYS A 212 -14.47 -39.24 -28.32
C LYS A 212 -15.18 -38.77 -27.05
N ASN A 213 -14.66 -37.71 -26.45
CA ASN A 213 -15.22 -37.13 -25.26
C ASN A 213 -14.61 -35.77 -24.94
N PRO A 214 -14.94 -34.76 -25.74
CA PRO A 214 -14.43 -33.39 -25.57
C PRO A 214 -15.25 -32.62 -24.53
N VAL A 215 -14.67 -31.56 -24.00
CA VAL A 215 -15.39 -30.71 -23.04
C VAL A 215 -15.01 -29.25 -23.25
N ILE A 216 -15.95 -28.36 -22.96
CA ILE A 216 -15.68 -26.94 -23.11
C ILE A 216 -15.39 -26.41 -21.71
N LEU A 217 -14.27 -25.71 -21.59
CA LEU A 217 -13.84 -25.19 -20.31
C LEU A 217 -13.66 -23.67 -20.36
N ALA A 218 -14.51 -22.94 -19.65
CA ALA A 218 -14.46 -21.50 -19.59
C ALA A 218 -13.52 -21.07 -18.48
N ASP A 219 -12.55 -20.22 -18.81
CA ASP A 219 -11.60 -19.76 -17.81
C ASP A 219 -11.72 -18.26 -17.63
N ALA A 220 -10.84 -17.68 -16.84
CA ALA A 220 -10.84 -16.23 -16.57
C ALA A 220 -10.99 -15.26 -17.74
N CYS A 221 -10.42 -15.58 -18.90
CA CYS A 221 -10.49 -14.67 -20.03
C CYS A 221 -11.62 -14.86 -21.04
N CYS A 222 -12.68 -15.52 -20.62
CA CYS A 222 -13.79 -15.72 -21.53
C CYS A 222 -14.88 -14.70 -21.22
N SER A 223 -14.84 -14.18 -20.00
CA SER A 223 -15.83 -13.22 -19.58
C SER A 223 -15.65 -11.80 -20.11
N ARG A 224 -14.56 -11.12 -19.75
CA ARG A 224 -14.38 -9.74 -20.20
C ARG A 224 -13.55 -9.49 -21.45
N HIS A 225 -13.62 -10.37 -22.44
CA HIS A 225 -12.83 -10.14 -23.66
C HIS A 225 -13.59 -10.05 -24.97
N ASP A 226 -14.85 -9.63 -24.90
CA ASP A 226 -15.68 -9.50 -26.10
C ASP A 226 -15.75 -10.84 -26.86
N VAL A 227 -16.02 -11.91 -26.12
CA VAL A 227 -16.07 -13.24 -26.73
C VAL A 227 -17.23 -14.15 -26.21
N LYS A 228 -18.23 -13.54 -25.58
CA LYS A 228 -19.39 -14.27 -25.04
C LYS A 228 -20.28 -14.87 -26.13
N ALA A 229 -20.51 -14.12 -27.20
CA ALA A 229 -21.32 -14.65 -28.28
C ALA A 229 -20.67 -15.97 -28.68
N GLU A 230 -19.52 -15.86 -29.36
CA GLU A 230 -18.78 -17.03 -29.83
C GLU A 230 -18.77 -18.19 -28.82
N THR A 231 -18.76 -17.88 -27.53
CA THR A 231 -18.74 -18.94 -26.55
C THR A 231 -20.08 -19.67 -26.54
N LYS A 232 -21.16 -18.92 -26.44
CA LYS A 232 -22.45 -19.56 -26.42
C LYS A 232 -22.71 -20.35 -27.69
N LYS A 233 -22.27 -19.81 -28.82
CA LYS A 233 -22.48 -20.51 -30.08
C LYS A 233 -21.70 -21.82 -30.06
N LEU A 234 -20.50 -21.80 -29.49
CA LEU A 234 -19.72 -23.03 -29.42
C LEU A 234 -20.46 -24.10 -28.62
N ILE A 235 -20.99 -23.72 -27.45
CA ILE A 235 -21.74 -24.67 -26.60
C ILE A 235 -22.95 -25.22 -27.37
N ASP A 236 -23.65 -24.35 -28.10
CA ASP A 236 -24.83 -24.77 -28.87
C ASP A 236 -24.48 -25.71 -30.02
N LEU A 237 -23.64 -25.25 -30.94
CA LEU A 237 -23.24 -26.06 -32.09
C LEU A 237 -22.69 -27.47 -31.78
N THR A 238 -21.85 -27.58 -30.76
CA THR A 238 -21.27 -28.89 -30.41
C THR A 238 -22.09 -29.65 -29.38
N GLN A 239 -22.63 -28.92 -28.41
CA GLN A 239 -23.42 -29.52 -27.36
C GLN A 239 -22.50 -30.27 -26.40
N PHE A 240 -21.20 -30.02 -26.55
CA PHE A 240 -20.21 -30.65 -25.67
C PHE A 240 -20.52 -30.22 -24.23
N PRO A 241 -20.08 -31.01 -23.25
CA PRO A 241 -20.36 -30.61 -21.86
C PRO A 241 -19.51 -29.38 -21.53
N ALA A 242 -20.05 -28.45 -20.74
CA ALA A 242 -19.30 -27.26 -20.38
C ALA A 242 -19.06 -27.21 -18.88
N PHE A 243 -17.86 -26.77 -18.51
CA PHE A 243 -17.46 -26.64 -17.11
C PHE A 243 -16.75 -25.29 -16.98
N VAL A 244 -16.70 -24.74 -15.78
CA VAL A 244 -16.00 -23.46 -15.56
C VAL A 244 -14.94 -23.65 -14.50
N THR A 245 -13.85 -22.88 -14.60
CA THR A 245 -12.78 -22.96 -13.61
C THR A 245 -13.16 -22.00 -12.47
N PRO A 246 -12.41 -22.04 -11.37
CA PRO A 246 -12.81 -21.11 -10.30
C PRO A 246 -12.75 -19.67 -10.76
N MET A 247 -12.05 -19.42 -11.86
CA MET A 247 -11.91 -18.08 -12.41
C MET A 247 -12.90 -17.87 -13.53
N GLY A 248 -13.47 -18.97 -14.02
CA GLY A 248 -14.44 -18.91 -15.11
C GLY A 248 -15.86 -18.85 -14.58
N LYS A 249 -16.07 -19.23 -13.33
CA LYS A 249 -17.41 -19.19 -12.75
C LYS A 249 -17.99 -17.79 -12.85
N GLY A 250 -19.08 -17.68 -13.58
CA GLY A 250 -19.73 -16.39 -13.75
C GLY A 250 -19.89 -16.10 -15.22
N SER A 251 -18.97 -16.63 -16.03
CA SER A 251 -19.04 -16.37 -17.47
C SER A 251 -19.86 -17.37 -18.28
N ILE A 252 -20.41 -18.37 -17.60
CA ILE A 252 -21.24 -19.41 -18.22
C ILE A 252 -22.57 -19.54 -17.47
N ASP A 253 -23.68 -19.54 -18.20
CA ASP A 253 -24.99 -19.68 -17.58
C ASP A 253 -25.12 -21.02 -16.85
N GLU A 254 -25.13 -20.99 -15.52
CA GLU A 254 -25.20 -22.24 -14.74
C GLU A 254 -26.56 -22.96 -14.75
N GLN A 255 -27.52 -22.44 -15.51
CA GLN A 255 -28.83 -23.07 -15.58
C GLN A 255 -28.91 -23.83 -16.89
N HIS A 256 -27.91 -23.62 -17.74
CA HIS A 256 -27.87 -24.29 -19.03
C HIS A 256 -27.84 -25.79 -18.80
N PRO A 257 -28.42 -26.55 -19.72
CA PRO A 257 -28.50 -28.02 -19.66
C PRO A 257 -27.18 -28.77 -19.69
N ARG A 258 -26.23 -28.26 -20.45
CA ARG A 258 -24.94 -28.91 -20.59
C ARG A 258 -23.89 -28.54 -19.54
N TYR A 259 -24.27 -27.64 -18.62
CA TYR A 259 -23.38 -27.18 -17.55
C TYR A 259 -23.10 -28.28 -16.52
N GLY A 260 -21.82 -28.56 -16.29
CA GLY A 260 -21.46 -29.61 -15.35
C GLY A 260 -20.98 -29.26 -13.95
N GLY A 261 -20.55 -28.02 -13.72
CA GLY A 261 -20.07 -27.65 -12.40
C GLY A 261 -18.71 -26.98 -12.46
N VAL A 262 -18.19 -26.59 -11.29
CA VAL A 262 -16.90 -25.91 -11.19
C VAL A 262 -15.76 -26.87 -11.00
N TYR A 263 -14.70 -26.70 -11.79
CA TYR A 263 -13.56 -27.57 -11.66
C TYR A 263 -12.45 -26.89 -10.86
N VAL A 264 -12.36 -27.25 -9.57
CA VAL A 264 -11.36 -26.72 -8.66
C VAL A 264 -10.38 -27.83 -8.25
N GLY A 265 -9.92 -28.59 -9.24
CA GLY A 265 -8.99 -29.67 -8.99
C GLY A 265 -9.44 -30.59 -7.88
N THR A 266 -8.56 -30.84 -6.93
CA THR A 266 -8.87 -31.73 -5.84
C THR A 266 -10.00 -31.30 -4.91
N LEU A 267 -10.58 -30.13 -5.13
CA LEU A 267 -11.68 -29.67 -4.26
C LEU A 267 -13.04 -29.81 -4.95
N SER A 268 -13.03 -30.44 -6.11
CA SER A 268 -14.24 -30.66 -6.91
C SER A 268 -15.14 -31.75 -6.34
N LYS A 269 -16.29 -31.93 -6.97
CA LYS A 269 -17.24 -32.98 -6.60
C LYS A 269 -16.69 -34.17 -7.36
N PRO A 270 -16.61 -35.34 -6.72
CA PRO A 270 -16.07 -36.48 -7.46
C PRO A 270 -16.61 -36.57 -8.91
N GLU A 271 -17.92 -36.48 -9.09
CA GLU A 271 -18.50 -36.57 -10.44
C GLU A 271 -17.84 -35.57 -11.37
N VAL A 272 -17.65 -34.34 -10.89
CA VAL A 272 -17.04 -33.28 -11.69
C VAL A 272 -15.56 -33.60 -11.99
N LYS A 273 -14.85 -34.10 -10.98
CA LYS A 273 -13.46 -34.42 -11.18
C LYS A 273 -13.33 -35.51 -12.22
N GLU A 274 -14.16 -36.53 -12.09
CA GLU A 274 -14.13 -37.65 -13.03
C GLU A 274 -14.59 -37.22 -14.41
N ALA A 275 -15.64 -36.42 -14.45
CA ALA A 275 -16.17 -35.96 -15.71
C ALA A 275 -15.12 -35.24 -16.53
N VAL A 276 -14.42 -34.31 -15.91
CA VAL A 276 -13.41 -33.53 -16.62
C VAL A 276 -12.19 -34.34 -17.00
N GLU A 277 -11.69 -35.12 -16.03
CA GLU A 277 -10.51 -35.93 -16.24
C GLU A 277 -10.67 -37.05 -17.24
N SER A 278 -11.91 -37.38 -17.55
CA SER A 278 -12.20 -38.45 -18.50
C SER A 278 -12.31 -37.89 -19.92
N ALA A 279 -12.04 -36.59 -20.06
CA ALA A 279 -12.10 -35.94 -21.37
C ALA A 279 -10.82 -36.21 -22.15
N ASP A 280 -10.95 -36.53 -23.43
CA ASP A 280 -9.79 -36.80 -24.25
C ASP A 280 -9.40 -35.59 -25.12
N LEU A 281 -10.18 -34.53 -24.99
CA LEU A 281 -9.93 -33.29 -25.70
C LEU A 281 -10.52 -32.16 -24.87
N ILE A 282 -9.82 -31.02 -24.81
CA ILE A 282 -10.30 -29.89 -24.03
C ILE A 282 -10.22 -28.56 -24.76
N LEU A 283 -11.35 -27.89 -24.90
CA LEU A 283 -11.38 -26.58 -25.53
C LEU A 283 -11.45 -25.59 -24.38
N SER A 284 -10.33 -24.93 -24.12
CA SER A 284 -10.21 -23.96 -23.04
C SER A 284 -10.37 -22.54 -23.58
N VAL A 285 -11.52 -21.95 -23.31
CA VAL A 285 -11.83 -20.60 -23.78
C VAL A 285 -11.37 -19.55 -22.76
N GLY A 286 -10.49 -18.66 -23.21
CA GLY A 286 -9.95 -17.64 -22.34
C GLY A 286 -9.01 -18.24 -21.28
N ALA A 287 -8.16 -19.15 -21.71
CA ALA A 287 -7.21 -19.83 -20.83
C ALA A 287 -6.26 -18.87 -20.08
N LEU A 288 -5.98 -19.19 -18.82
CA LEU A 288 -5.10 -18.38 -18.01
C LEU A 288 -4.45 -19.29 -16.97
N LEU A 289 -5.30 -19.89 -16.15
CA LEU A 289 -4.93 -20.82 -15.10
C LEU A 289 -4.33 -22.11 -15.70
N SER A 290 -3.45 -22.77 -14.97
CA SER A 290 -2.82 -24.01 -15.46
C SER A 290 -2.19 -24.76 -14.30
N ASP A 291 -1.89 -26.04 -14.50
CA ASP A 291 -1.32 -26.88 -13.45
C ASP A 291 -0.63 -26.09 -12.36
N PHE A 292 -1.15 -26.16 -11.13
CA PHE A 292 -0.56 -25.43 -9.99
C PHE A 292 -0.98 -26.02 -8.64
N ASN A 293 -0.09 -25.97 -7.65
CA ASN A 293 -0.41 -26.49 -6.30
C ASN A 293 -0.40 -25.34 -5.31
N THR A 294 -1.06 -25.53 -4.18
CA THR A 294 -1.15 -24.49 -3.17
C THR A 294 -1.21 -25.08 -1.78
N GLY A 295 -0.93 -24.26 -0.77
CA GLY A 295 -0.96 -24.76 0.58
C GLY A 295 -2.24 -25.49 0.91
N SER A 296 -3.31 -25.23 0.17
CA SER A 296 -4.59 -25.89 0.44
C SER A 296 -4.99 -27.03 -0.48
N PHE A 297 -4.78 -26.87 -1.79
CA PHE A 297 -5.18 -27.91 -2.73
C PHE A 297 -4.28 -28.03 -3.96
N SER A 298 -4.66 -28.93 -4.88
CA SER A 298 -3.93 -29.16 -6.13
C SER A 298 -4.89 -29.03 -7.30
N TYR A 299 -4.38 -28.55 -8.43
CA TYR A 299 -5.18 -28.33 -9.65
C TYR A 299 -4.38 -28.84 -10.88
N SER A 300 -4.97 -29.74 -11.67
CA SER A 300 -4.28 -30.27 -12.85
C SER A 300 -5.14 -31.07 -13.84
N TYR A 301 -5.13 -30.68 -15.11
CA TYR A 301 -5.90 -31.38 -16.13
C TYR A 301 -5.29 -32.74 -16.49
N LYS A 302 -6.12 -33.77 -16.41
CA LYS A 302 -5.71 -35.13 -16.70
C LYS A 302 -4.99 -35.27 -18.04
N THR A 303 -5.63 -34.80 -19.11
CA THR A 303 -5.04 -34.89 -20.45
C THR A 303 -4.18 -33.70 -20.82
N LYS A 304 -3.35 -33.88 -21.85
CA LYS A 304 -2.48 -32.83 -22.35
C LYS A 304 -3.01 -32.35 -23.69
N ASN A 305 -3.96 -33.09 -24.25
CA ASN A 305 -4.53 -32.71 -25.53
C ASN A 305 -5.46 -31.54 -25.32
N ILE A 306 -4.87 -30.35 -25.23
CA ILE A 306 -5.61 -29.11 -24.99
C ILE A 306 -5.37 -28.02 -26.02
N VAL A 307 -6.43 -27.31 -26.36
CA VAL A 307 -6.37 -26.20 -27.30
C VAL A 307 -6.76 -24.96 -26.50
N GLU A 308 -5.78 -24.14 -26.15
CA GLU A 308 -6.02 -22.93 -25.37
C GLU A 308 -6.33 -21.70 -26.23
N PHE A 309 -7.50 -21.10 -25.99
CA PHE A 309 -7.90 -19.90 -26.73
C PHE A 309 -7.50 -18.66 -25.92
N HIS A 310 -6.55 -17.91 -26.45
CA HIS A 310 -6.06 -16.71 -25.78
C HIS A 310 -6.42 -15.46 -26.55
N SER A 311 -6.50 -14.36 -25.82
CA SER A 311 -6.84 -13.08 -26.44
C SER A 311 -5.96 -12.78 -27.63
N ASP A 312 -4.66 -13.05 -27.52
CA ASP A 312 -3.72 -12.76 -28.60
C ASP A 312 -3.00 -13.93 -29.29
N HIS A 313 -3.26 -15.16 -28.86
CA HIS A 313 -2.60 -16.30 -29.51
C HIS A 313 -3.29 -17.64 -29.30
N MET A 314 -2.74 -18.69 -29.92
CA MET A 314 -3.26 -20.04 -29.80
C MET A 314 -2.24 -21.01 -29.23
N LYS A 315 -2.70 -21.89 -28.36
CA LYS A 315 -1.88 -22.91 -27.72
C LYS A 315 -2.50 -24.30 -27.97
N ILE A 316 -2.00 -25.01 -28.98
CA ILE A 316 -2.50 -26.36 -29.30
C ILE A 316 -1.50 -27.38 -28.79
N ARG A 317 -1.82 -27.99 -27.67
CA ARG A 317 -0.95 -28.96 -27.04
C ARG A 317 0.33 -28.26 -26.64
N ASN A 318 1.34 -28.30 -27.50
CA ASN A 318 2.61 -27.65 -27.19
C ASN A 318 3.00 -26.56 -28.16
N ALA A 319 2.36 -26.54 -29.33
CA ALA A 319 2.65 -25.54 -30.36
C ALA A 319 1.91 -24.23 -30.05
N THR A 320 2.56 -23.10 -30.33
CA THR A 320 1.96 -21.79 -30.08
C THR A 320 1.89 -20.97 -31.36
N PHE A 321 0.68 -20.56 -31.72
CA PHE A 321 0.49 -19.76 -32.92
C PHE A 321 0.32 -18.33 -32.45
N PRO A 322 1.43 -17.59 -32.35
CA PRO A 322 1.44 -16.20 -31.91
C PRO A 322 0.67 -15.26 -32.82
N GLY A 323 0.03 -14.27 -32.21
CA GLY A 323 -0.72 -13.28 -32.97
C GLY A 323 -2.11 -13.69 -33.42
N VAL A 324 -2.41 -14.99 -33.43
CA VAL A 324 -3.71 -15.49 -33.87
C VAL A 324 -4.73 -15.36 -32.74
N GLN A 325 -5.36 -14.19 -32.67
CA GLN A 325 -6.35 -13.87 -31.64
C GLN A 325 -7.56 -14.79 -31.63
N MET A 326 -7.98 -15.18 -30.44
CA MET A 326 -9.12 -16.11 -30.28
C MET A 326 -10.47 -15.69 -30.89
N LYS A 327 -10.99 -14.52 -30.54
CA LYS A 327 -12.28 -14.09 -31.05
C LYS A 327 -12.51 -14.34 -32.55
N PHE A 328 -11.57 -13.94 -33.39
CA PHE A 328 -11.73 -14.14 -34.84
C PHE A 328 -11.49 -15.59 -35.27
N VAL A 329 -10.68 -16.30 -34.51
CA VAL A 329 -10.41 -17.70 -34.82
C VAL A 329 -11.61 -18.53 -34.37
N LEU A 330 -12.13 -18.17 -33.21
CA LEU A 330 -13.28 -18.83 -32.63
C LEU A 330 -14.39 -18.79 -33.69
N GLN A 331 -14.50 -17.67 -34.39
CA GLN A 331 -15.51 -17.54 -35.44
C GLN A 331 -15.25 -18.47 -36.62
N LYS A 332 -14.10 -18.33 -37.27
CA LYS A 332 -13.76 -19.17 -38.42
C LYS A 332 -13.93 -20.64 -38.08
N LEU A 333 -13.73 -20.96 -36.81
CA LEU A 333 -13.87 -22.31 -36.29
C LEU A 333 -15.33 -22.73 -36.35
N LEU A 334 -16.19 -21.98 -35.69
CA LEU A 334 -17.61 -22.32 -35.68
C LEU A 334 -18.17 -22.50 -37.10
N THR A 335 -17.60 -21.82 -38.07
CA THR A 335 -18.06 -21.92 -39.44
C THR A 335 -17.70 -23.24 -40.16
N ALA A 336 -16.60 -23.87 -39.76
CA ALA A 336 -16.18 -25.12 -40.40
C ALA A 336 -16.38 -26.36 -39.54
N ILE A 337 -16.78 -26.14 -38.29
CA ILE A 337 -16.99 -27.21 -37.32
C ILE A 337 -18.31 -27.97 -37.54
N ALA A 338 -19.32 -27.24 -37.98
CA ALA A 338 -20.66 -27.78 -38.23
C ALA A 338 -20.78 -29.27 -38.53
N ASP A 339 -20.19 -29.70 -39.64
CA ASP A 339 -20.27 -31.09 -40.08
C ASP A 339 -19.56 -32.14 -39.23
N ALA A 340 -18.37 -31.82 -38.73
CA ALA A 340 -17.61 -32.78 -37.92
C ALA A 340 -18.22 -33.04 -36.54
N ALA A 341 -19.29 -32.31 -36.21
CA ALA A 341 -19.94 -32.50 -34.92
C ALA A 341 -21.37 -32.96 -35.10
N LYS A 342 -21.69 -33.39 -36.31
CA LYS A 342 -23.03 -33.85 -36.69
C LYS A 342 -23.58 -35.03 -35.90
N GLY A 343 -22.84 -36.15 -35.89
CA GLY A 343 -23.28 -37.32 -35.16
C GLY A 343 -22.71 -37.44 -33.76
N TYR A 344 -22.54 -36.31 -33.06
CA TYR A 344 -22.01 -36.34 -31.70
C TYR A 344 -23.04 -36.90 -30.73
N LYS A 345 -22.57 -37.70 -29.77
CA LYS A 345 -23.41 -38.33 -28.75
C LYS A 345 -23.38 -37.55 -27.43
N PRO A 346 -24.38 -36.69 -27.20
CA PRO A 346 -24.51 -35.86 -25.99
C PRO A 346 -24.17 -36.52 -24.66
N VAL A 347 -22.89 -36.53 -24.28
CA VAL A 347 -22.46 -37.15 -23.03
C VAL A 347 -23.22 -36.59 -21.83
N ALA A 348 -23.48 -37.45 -20.86
CA ALA A 348 -24.21 -37.03 -19.67
C ALA A 348 -23.35 -36.07 -18.87
N VAL A 349 -24.02 -35.15 -18.18
CA VAL A 349 -23.35 -34.16 -17.36
C VAL A 349 -23.82 -34.33 -15.90
N PRO A 350 -22.97 -33.98 -14.92
CA PRO A 350 -23.38 -34.12 -13.52
C PRO A 350 -24.62 -33.31 -13.19
N ALA A 351 -25.36 -33.75 -12.18
CA ALA A 351 -26.58 -33.07 -11.78
C ALA A 351 -26.31 -32.03 -10.70
N ARG A 352 -27.16 -31.00 -10.64
CA ARG A 352 -27.04 -29.92 -9.66
C ARG A 352 -27.11 -30.49 -8.25
N THR A 353 -26.79 -29.68 -7.25
CA THR A 353 -26.83 -30.14 -5.87
C THR A 353 -28.13 -29.76 -5.17
N PRO A 354 -28.80 -30.75 -4.55
CA PRO A 354 -30.06 -30.52 -3.84
C PRO A 354 -29.95 -29.49 -2.70
N ALA A 355 -30.82 -28.47 -2.73
CA ALA A 355 -30.82 -27.42 -1.72
C ALA A 355 -31.23 -27.94 -0.33
N ASN A 356 -30.36 -27.72 0.66
CA ASN A 356 -30.57 -28.13 2.04
C ASN A 356 -32.01 -28.46 2.41
N ALA A 357 -32.18 -29.47 3.27
CA ALA A 357 -33.51 -29.88 3.73
C ALA A 357 -33.87 -29.19 5.05
N ALA A 358 -35.05 -28.56 5.04
CA ALA A 358 -35.59 -27.83 6.20
C ALA A 358 -34.97 -28.25 7.53
N VAL A 359 -34.14 -27.37 8.06
CA VAL A 359 -33.46 -27.61 9.34
C VAL A 359 -34.00 -26.67 10.41
N PRO A 360 -34.26 -27.20 11.62
CA PRO A 360 -34.79 -26.41 12.74
C PRO A 360 -34.17 -25.03 12.88
N ALA A 361 -35.04 -24.02 12.86
CA ALA A 361 -34.65 -22.62 12.96
C ALA A 361 -33.55 -22.26 13.94
N SER A 362 -33.40 -23.04 15.00
CA SER A 362 -32.37 -22.74 15.99
C SER A 362 -31.01 -23.44 15.82
N THR A 363 -30.76 -24.06 14.67
CA THR A 363 -29.48 -24.72 14.42
C THR A 363 -28.44 -23.67 14.07
N PRO A 364 -27.23 -23.77 14.66
CA PRO A 364 -26.09 -22.86 14.49
C PRO A 364 -25.52 -22.84 13.08
N LEU A 365 -25.36 -21.65 12.52
CA LEU A 365 -24.85 -21.50 11.17
C LEU A 365 -23.49 -22.14 10.94
N LYS A 366 -23.37 -22.87 9.84
CA LYS A 366 -22.13 -23.54 9.43
C LYS A 366 -21.92 -23.15 7.97
N GLN A 367 -20.66 -23.02 7.56
CA GLN A 367 -20.36 -22.61 6.18
C GLN A 367 -20.95 -23.45 5.06
N GLU A 368 -20.73 -24.76 5.08
CA GLU A 368 -21.24 -25.65 4.04
C GLU A 368 -22.71 -25.39 3.75
N TRP A 369 -23.49 -25.26 4.82
CA TRP A 369 -24.91 -25.00 4.71
C TRP A 369 -25.16 -23.63 4.11
N MET A 370 -24.35 -22.66 4.49
CA MET A 370 -24.53 -21.30 3.99
C MET A 370 -24.24 -21.14 2.51
N TRP A 371 -23.12 -21.68 2.03
CA TRP A 371 -22.78 -21.55 0.62
C TRP A 371 -23.85 -22.20 -0.25
N ASN A 372 -24.46 -23.26 0.28
CA ASN A 372 -25.49 -23.98 -0.43
C ASN A 372 -26.79 -23.20 -0.40
N GLN A 373 -27.10 -22.66 0.78
CA GLN A 373 -28.33 -21.90 0.98
C GLN A 373 -28.27 -20.56 0.26
N LEU A 374 -27.07 -20.04 0.03
CA LEU A 374 -26.94 -18.77 -0.67
C LEU A 374 -27.70 -18.87 -1.99
N GLY A 375 -27.45 -19.94 -2.73
CA GLY A 375 -28.11 -20.14 -4.01
C GLY A 375 -29.49 -19.55 -4.13
N ASN A 376 -30.26 -19.53 -3.04
CA ASN A 376 -31.62 -18.99 -3.05
C ASN A 376 -31.73 -17.47 -2.99
N PHE A 377 -30.96 -16.83 -2.14
CA PHE A 377 -31.02 -15.38 -2.01
C PHE A 377 -30.64 -14.66 -3.31
N LEU A 378 -29.75 -15.27 -4.10
CA LEU A 378 -29.29 -14.68 -5.35
C LEU A 378 -30.37 -14.50 -6.39
N GLN A 379 -30.33 -13.38 -7.09
CA GLN A 379 -31.30 -13.11 -8.13
C GLN A 379 -30.54 -12.78 -9.41
N GLU A 380 -31.17 -12.93 -10.56
CA GLU A 380 -30.52 -12.66 -11.83
C GLU A 380 -30.07 -11.23 -12.00
N GLY A 381 -28.78 -11.06 -12.26
CA GLY A 381 -28.22 -9.74 -12.46
C GLY A 381 -27.13 -9.45 -11.46
N ASP A 382 -27.20 -10.09 -10.31
CA ASP A 382 -26.24 -9.90 -9.23
C ASP A 382 -24.76 -10.02 -9.61
N VAL A 383 -23.91 -9.34 -8.85
CA VAL A 383 -22.47 -9.38 -9.01
C VAL A 383 -22.03 -9.89 -7.65
N VAL A 384 -21.49 -11.11 -7.62
CA VAL A 384 -21.03 -11.69 -6.36
C VAL A 384 -19.50 -11.61 -6.27
N ILE A 385 -19.02 -11.11 -5.14
CA ILE A 385 -17.59 -10.94 -4.90
C ILE A 385 -17.18 -11.72 -3.67
N ALA A 386 -16.14 -12.54 -3.79
CA ALA A 386 -15.69 -13.35 -2.66
C ALA A 386 -14.26 -13.05 -2.33
N GLU A 387 -13.95 -12.97 -1.04
CA GLU A 387 -12.59 -12.67 -0.61
C GLU A 387 -11.74 -13.91 -0.43
N THR A 388 -10.47 -13.80 -0.75
CA THR A 388 -9.54 -14.88 -0.61
C THR A 388 -9.64 -15.37 0.83
N GLY A 389 -9.67 -16.69 0.99
CA GLY A 389 -9.79 -17.27 2.31
C GLY A 389 -10.92 -18.27 2.18
N THR A 390 -11.64 -18.53 3.26
CA THR A 390 -12.74 -19.50 3.22
C THR A 390 -13.82 -19.12 2.20
N SER A 391 -14.08 -17.83 2.05
CA SER A 391 -15.09 -17.38 1.10
C SER A 391 -14.77 -17.82 -0.33
N ALA A 392 -13.61 -17.41 -0.85
CA ALA A 392 -13.18 -17.75 -2.21
C ALA A 392 -13.35 -19.24 -2.49
N PHE A 393 -13.00 -20.07 -1.51
CA PHE A 393 -13.13 -21.51 -1.65
C PHE A 393 -14.58 -22.03 -1.64
N GLY A 394 -15.43 -21.34 -0.88
CA GLY A 394 -16.83 -21.73 -0.75
C GLY A 394 -17.81 -21.20 -1.77
N ILE A 395 -17.47 -20.13 -2.47
CA ILE A 395 -18.40 -19.59 -3.44
C ILE A 395 -18.53 -20.50 -4.67
N ASN A 396 -17.68 -21.52 -4.77
CA ASN A 396 -17.75 -22.43 -5.91
C ASN A 396 -18.83 -23.49 -5.73
N GLN A 397 -19.29 -23.67 -4.50
CA GLN A 397 -20.33 -24.64 -4.22
C GLN A 397 -21.72 -24.02 -4.26
N THR A 398 -21.81 -22.80 -4.78
CA THR A 398 -23.07 -22.11 -4.89
C THR A 398 -23.55 -22.19 -6.32
N THR A 399 -24.82 -22.52 -6.48
CA THR A 399 -25.44 -22.63 -7.78
C THR A 399 -25.91 -21.24 -8.18
N PHE A 400 -25.34 -20.71 -9.26
CA PHE A 400 -25.69 -19.37 -9.71
C PHE A 400 -26.91 -19.26 -10.59
N PRO A 401 -27.79 -18.30 -10.29
CA PRO A 401 -28.99 -18.12 -11.11
C PRO A 401 -28.47 -17.73 -12.49
N ASN A 402 -29.35 -17.58 -13.45
CA ASN A 402 -28.93 -17.22 -14.79
C ASN A 402 -28.39 -15.79 -14.88
N ASN A 403 -27.19 -15.64 -15.43
CA ASN A 403 -26.59 -14.32 -15.61
C ASN A 403 -26.08 -13.65 -14.33
N THR A 404 -25.27 -14.38 -13.56
CA THR A 404 -24.73 -13.86 -12.32
C THR A 404 -23.21 -13.82 -12.46
N TYR A 405 -22.63 -12.64 -12.28
CA TYR A 405 -21.18 -12.52 -12.41
C TYR A 405 -20.46 -12.58 -11.08
N GLY A 406 -19.27 -13.18 -11.10
CA GLY A 406 -18.51 -13.29 -9.88
C GLY A 406 -17.12 -12.69 -10.03
N ILE A 407 -16.56 -12.23 -8.92
CA ILE A 407 -15.21 -11.67 -8.89
C ILE A 407 -14.45 -12.35 -7.77
N SER A 408 -13.51 -13.23 -8.14
CA SER A 408 -12.66 -13.93 -7.16
C SER A 408 -11.18 -13.82 -7.55
N GLN A 409 -10.39 -13.11 -6.75
CA GLN A 409 -8.98 -12.99 -7.10
C GLN A 409 -8.23 -14.29 -6.91
N VAL A 410 -8.65 -15.29 -7.68
CA VAL A 410 -8.08 -16.64 -7.63
C VAL A 410 -6.56 -16.73 -7.77
N LEU A 411 -6.01 -16.06 -8.79
CA LEU A 411 -4.59 -16.15 -9.06
C LEU A 411 -3.70 -15.25 -8.24
N TRP A 412 -3.92 -13.94 -8.30
CA TRP A 412 -3.06 -13.03 -7.53
C TRP A 412 -3.30 -13.28 -6.04
N GLY A 413 -4.57 -13.43 -5.68
CA GLY A 413 -4.94 -13.70 -4.30
C GLY A 413 -4.44 -12.80 -3.20
N SER A 414 -4.71 -11.49 -3.30
CA SER A 414 -4.30 -10.51 -2.27
C SER A 414 -5.45 -10.13 -1.33
N ILE A 415 -5.42 -10.57 -0.07
CA ILE A 415 -6.52 -10.23 0.84
C ILE A 415 -6.67 -8.74 1.03
N GLY A 416 -7.91 -8.27 1.08
CA GLY A 416 -8.15 -6.85 1.24
C GLY A 416 -8.70 -6.30 -0.05
N PHE A 417 -8.24 -6.89 -1.16
CA PHE A 417 -8.65 -6.51 -2.50
C PHE A 417 -10.15 -6.28 -2.70
N THR A 418 -10.98 -7.14 -2.11
CA THR A 418 -12.43 -7.02 -2.29
C THR A 418 -13.11 -5.74 -1.75
N THR A 419 -12.75 -5.29 -0.55
CA THR A 419 -13.40 -4.09 -0.03
C THR A 419 -13.27 -2.98 -1.04
N GLY A 420 -12.14 -2.95 -1.75
CA GLY A 420 -11.89 -1.93 -2.75
C GLY A 420 -12.60 -2.20 -4.07
N ALA A 421 -12.50 -3.43 -4.53
CA ALA A 421 -13.13 -3.85 -5.78
C ALA A 421 -14.64 -3.68 -5.65
N THR A 422 -15.15 -3.85 -4.43
CA THR A 422 -16.58 -3.70 -4.14
C THR A 422 -17.04 -2.30 -4.51
N LEU A 423 -16.33 -1.29 -3.99
CA LEU A 423 -16.67 0.08 -4.26
C LEU A 423 -16.60 0.37 -5.76
N GLY A 424 -15.53 -0.05 -6.41
CA GLY A 424 -15.42 0.19 -7.84
C GLY A 424 -16.46 -0.54 -8.66
N ALA A 425 -16.84 -1.73 -8.19
CA ALA A 425 -17.83 -2.56 -8.87
C ALA A 425 -19.23 -1.99 -8.66
N ALA A 426 -19.54 -1.60 -7.44
CA ALA A 426 -20.85 -1.06 -7.14
C ALA A 426 -21.02 0.25 -7.92
N PHE A 427 -19.91 0.90 -8.26
CA PHE A 427 -19.91 2.16 -9.02
C PHE A 427 -20.32 1.95 -10.46
N ALA A 428 -19.60 1.05 -11.13
CA ALA A 428 -19.87 0.77 -12.52
C ALA A 428 -21.27 0.19 -12.69
N ALA A 429 -21.63 -0.70 -11.79
CA ALA A 429 -22.94 -1.30 -11.85
C ALA A 429 -23.92 -0.15 -11.94
N GLU A 430 -23.91 0.69 -10.90
CA GLU A 430 -24.78 1.85 -10.81
C GLU A 430 -24.95 2.54 -12.17
N GLU A 431 -23.83 2.95 -12.76
CA GLU A 431 -23.87 3.64 -14.04
C GLU A 431 -24.55 2.83 -15.13
N ILE A 432 -24.46 1.51 -15.00
CA ILE A 432 -25.03 0.59 -15.97
C ILE A 432 -26.50 0.29 -15.70
N ASP A 433 -26.83 0.09 -14.43
CA ASP A 433 -28.21 -0.20 -14.03
C ASP A 433 -28.31 0.01 -12.53
N PRO A 434 -29.12 0.98 -12.10
CA PRO A 434 -29.25 1.25 -10.66
C PRO A 434 -29.82 0.12 -9.81
N LYS A 435 -30.57 -0.80 -10.41
CA LYS A 435 -31.17 -1.88 -9.66
C LYS A 435 -30.35 -3.17 -9.59
N LYS A 436 -29.18 -3.15 -10.22
CA LYS A 436 -28.29 -4.28 -10.22
C LYS A 436 -27.62 -4.32 -8.85
N ARG A 437 -27.76 -5.45 -8.15
CA ARG A 437 -27.18 -5.61 -6.82
C ARG A 437 -25.74 -6.13 -6.84
N VAL A 438 -25.00 -5.77 -5.78
CA VAL A 438 -23.63 -6.21 -5.61
C VAL A 438 -23.49 -6.74 -4.17
N ILE A 439 -23.19 -8.03 -4.06
CA ILE A 439 -23.04 -8.71 -2.77
C ILE A 439 -21.59 -9.07 -2.55
N LEU A 440 -21.13 -8.94 -1.31
CA LEU A 440 -19.74 -9.27 -0.96
C LEU A 440 -19.63 -10.09 0.32
N PHE A 441 -18.88 -11.18 0.23
CA PHE A 441 -18.63 -12.03 1.39
C PHE A 441 -17.13 -11.87 1.66
N ILE A 442 -16.79 -11.58 2.92
CA ILE A 442 -15.39 -11.40 3.30
C ILE A 442 -15.14 -11.72 4.77
N GLY A 443 -14.04 -12.41 5.04
CA GLY A 443 -13.71 -12.79 6.41
C GLY A 443 -13.44 -11.60 7.31
N ASP A 444 -13.47 -11.83 8.62
CA ASP A 444 -13.23 -10.75 9.58
C ASP A 444 -11.79 -10.26 9.48
N GLY A 445 -10.89 -11.16 9.11
CA GLY A 445 -9.49 -10.80 8.98
C GLY A 445 -9.13 -9.88 7.82
N SER A 446 -9.53 -10.23 6.60
CA SER A 446 -9.20 -9.37 5.47
C SER A 446 -9.79 -7.98 5.55
N LEU A 447 -10.91 -7.80 6.25
CA LEU A 447 -11.51 -6.47 6.32
C LEU A 447 -10.55 -5.46 6.91
N GLN A 448 -9.85 -5.88 7.96
CA GLN A 448 -8.92 -5.00 8.64
C GLN A 448 -7.90 -4.34 7.72
N LEU A 449 -7.52 -5.01 6.65
CA LEU A 449 -6.51 -4.46 5.72
C LEU A 449 -6.94 -3.23 4.93
N THR A 450 -8.23 -3.15 4.58
CA THR A 450 -8.73 -2.03 3.79
C THR A 450 -10.08 -1.50 4.22
N VAL A 451 -10.50 -1.82 5.44
CA VAL A 451 -11.79 -1.40 5.99
C VAL A 451 -12.26 0.01 5.65
N GLN A 452 -11.35 0.98 5.70
CA GLN A 452 -11.73 2.37 5.43
C GLN A 452 -12.30 2.69 4.03
N GLU A 453 -12.36 1.75 3.11
CA GLU A 453 -12.93 2.08 1.80
C GLU A 453 -14.46 2.08 1.82
N ILE A 454 -15.04 1.63 2.93
CA ILE A 454 -16.48 1.63 3.09
C ILE A 454 -16.89 3.10 3.13
N SER A 455 -15.93 3.92 3.59
CA SER A 455 -16.07 5.37 3.70
C SER A 455 -16.49 5.94 2.36
N THR A 456 -15.70 5.66 1.32
CA THR A 456 -16.00 6.15 -0.03
C THR A 456 -17.35 5.60 -0.52
N MET A 457 -17.76 4.45 0.01
CA MET A 457 -19.03 3.86 -0.37
C MET A 457 -20.15 4.73 0.17
N ILE A 458 -20.06 5.05 1.46
CA ILE A 458 -21.08 5.88 2.09
C ILE A 458 -21.22 7.23 1.42
N ARG A 459 -20.11 7.91 1.18
CA ARG A 459 -20.17 9.24 0.58
C ARG A 459 -20.90 9.25 -0.76
N TRP A 460 -20.87 8.14 -1.48
CA TRP A 460 -21.58 8.12 -2.77
C TRP A 460 -22.99 7.53 -2.69
N GLY A 461 -23.42 7.19 -1.48
CA GLY A 461 -24.75 6.67 -1.29
C GLY A 461 -25.02 5.34 -1.96
N LEU A 462 -23.94 4.60 -2.24
CA LEU A 462 -24.04 3.29 -2.87
C LEU A 462 -24.78 2.37 -1.92
N LYS A 463 -25.39 1.30 -2.44
CA LYS A 463 -26.17 0.38 -1.60
C LYS A 463 -25.78 -1.10 -1.71
N PRO A 464 -24.52 -1.45 -1.38
CA PRO A 464 -24.06 -2.85 -1.47
C PRO A 464 -24.36 -3.66 -0.21
N TYR A 465 -24.13 -4.97 -0.31
CA TYR A 465 -24.35 -5.90 0.82
C TYR A 465 -23.03 -6.44 1.34
N LEU A 466 -22.64 -6.01 2.53
CA LEU A 466 -21.38 -6.48 3.11
C LEU A 466 -21.58 -7.59 4.12
N PHE A 467 -21.42 -8.84 3.68
CA PHE A 467 -21.54 -9.98 4.58
C PHE A 467 -20.16 -10.21 5.15
N VAL A 468 -20.01 -10.00 6.45
CA VAL A 468 -18.73 -10.20 7.07
C VAL A 468 -18.76 -11.47 7.88
N LEU A 469 -17.84 -12.39 7.56
CA LEU A 469 -17.76 -13.67 8.23
C LEU A 469 -16.84 -13.64 9.46
N ASN A 470 -17.42 -13.48 10.63
CA ASN A 470 -16.67 -13.43 11.88
C ASN A 470 -16.44 -14.84 12.39
N ASN A 471 -15.24 -15.36 12.17
CA ASN A 471 -14.89 -16.69 12.65
C ASN A 471 -13.63 -16.57 13.50
N ASP A 472 -13.49 -15.39 14.08
CA ASP A 472 -12.41 -15.06 15.00
C ASP A 472 -10.98 -15.40 14.59
N GLY A 473 -10.44 -14.74 13.56
CA GLY A 473 -9.07 -15.01 13.16
C GLY A 473 -8.91 -15.53 11.76
N TYR A 474 -7.68 -15.77 11.30
CA TYR A 474 -7.45 -16.26 9.94
C TYR A 474 -7.62 -17.79 9.84
N THR A 475 -8.87 -18.27 9.77
CA THR A 475 -9.10 -19.71 9.76
C THR A 475 -8.49 -20.48 8.57
N ILE A 476 -8.59 -19.93 7.37
CA ILE A 476 -8.01 -20.62 6.23
C ILE A 476 -6.54 -20.91 6.55
N GLU A 477 -5.85 -19.95 7.16
CA GLU A 477 -4.44 -20.14 7.52
C GLU A 477 -4.27 -21.18 8.59
N LYS A 478 -5.01 -21.05 9.68
CA LYS A 478 -4.96 -21.99 10.81
C LYS A 478 -5.16 -23.44 10.33
N LEU A 479 -5.78 -23.58 9.16
CA LEU A 479 -6.07 -24.89 8.60
C LEU A 479 -4.88 -25.50 7.88
N ILE A 480 -3.93 -24.68 7.43
CA ILE A 480 -2.77 -25.25 6.77
C ILE A 480 -1.59 -25.18 7.72
N HIS A 481 -1.70 -24.36 8.76
CA HIS A 481 -0.59 -24.27 9.73
C HIS A 481 -0.81 -23.29 10.89
N GLY A 482 -0.36 -23.66 12.09
CA GLY A 482 -0.52 -22.80 13.26
C GLY A 482 -1.98 -22.63 13.68
N PRO A 483 -2.67 -23.72 14.04
CA PRO A 483 -4.07 -23.66 14.46
C PRO A 483 -4.34 -22.68 15.59
N LYS A 484 -3.40 -22.60 16.53
CA LYS A 484 -3.53 -21.70 17.67
C LYS A 484 -2.42 -20.65 17.66
N ALA A 485 -1.75 -20.52 16.52
CA ALA A 485 -0.67 -19.55 16.39
C ALA A 485 -1.23 -18.14 16.54
N GLN A 486 -0.55 -17.35 17.35
CA GLN A 486 -0.95 -15.97 17.63
C GLN A 486 -1.01 -15.09 16.37
N TYR A 487 -0.16 -15.39 15.39
CA TYR A 487 -0.16 -14.60 14.16
C TYR A 487 -1.39 -14.89 13.31
N ASN A 488 -2.20 -15.87 13.72
CA ASN A 488 -3.43 -16.17 13.00
C ASN A 488 -4.64 -15.62 13.76
N GLU A 489 -4.38 -14.89 14.84
CA GLU A 489 -5.41 -14.29 15.68
C GLU A 489 -5.47 -12.79 15.43
N ILE A 490 -6.61 -12.17 15.72
CA ILE A 490 -6.76 -10.75 15.48
C ILE A 490 -7.42 -9.99 16.62
N GLN A 491 -7.44 -8.67 16.51
CA GLN A 491 -8.04 -7.79 17.50
C GLN A 491 -9.56 -7.75 17.30
N GLY A 492 -10.31 -7.95 18.38
CA GLY A 492 -11.76 -7.94 18.27
C GLY A 492 -12.31 -6.59 17.84
N TRP A 493 -13.15 -6.56 16.81
CA TRP A 493 -13.73 -5.33 16.34
C TRP A 493 -15.24 -5.31 16.49
N ASP A 494 -15.83 -4.13 16.71
CA ASP A 494 -17.28 -4.01 16.81
C ASP A 494 -17.70 -3.76 15.36
N HIS A 495 -17.77 -4.85 14.60
CA HIS A 495 -18.10 -4.80 13.19
C HIS A 495 -19.31 -3.98 12.78
N LEU A 496 -20.42 -4.18 13.46
CA LEU A 496 -21.62 -3.45 13.09
C LEU A 496 -21.49 -1.92 13.18
N SER A 497 -20.98 -1.40 14.29
CA SER A 497 -20.86 0.04 14.44
C SER A 497 -19.84 0.66 13.48
N LEU A 498 -19.41 -0.12 12.51
CA LEU A 498 -18.45 0.33 11.51
C LEU A 498 -19.09 1.33 10.54
N LEU A 499 -20.32 1.06 10.11
CA LEU A 499 -21.02 1.95 9.20
C LEU A 499 -21.20 3.36 9.79
N PRO A 500 -21.78 3.44 11.00
CA PRO A 500 -22.00 4.74 11.65
C PRO A 500 -20.72 5.52 11.89
N THR A 501 -19.68 4.84 12.33
CA THR A 501 -18.42 5.50 12.59
C THR A 501 -17.92 6.28 11.37
N PHE A 502 -18.14 5.75 10.18
CA PHE A 502 -17.68 6.48 9.00
C PHE A 502 -18.77 7.43 8.49
N GLY A 503 -19.68 7.78 9.38
CA GLY A 503 -20.75 8.72 9.05
C GLY A 503 -21.97 8.22 8.31
N ALA A 504 -22.19 6.91 8.29
CA ALA A 504 -23.37 6.38 7.61
C ALA A 504 -24.61 6.89 8.33
N LYS A 505 -25.55 7.44 7.58
CA LYS A 505 -26.77 7.95 8.19
C LYS A 505 -27.96 7.04 7.90
N ASP A 506 -28.05 6.59 6.65
CA ASP A 506 -29.14 5.69 6.26
C ASP A 506 -28.54 4.34 5.89
N TYR A 507 -28.37 3.50 6.91
CA TYR A 507 -27.80 2.17 6.74
C TYR A 507 -28.71 1.10 7.33
N GLU A 508 -28.11 -0.04 7.70
CA GLU A 508 -28.86 -1.15 8.29
C GLU A 508 -27.91 -2.28 8.67
N THR A 509 -27.89 -2.66 9.95
CA THR A 509 -27.02 -3.75 10.38
C THR A 509 -27.76 -4.94 10.98
N HIS A 510 -27.25 -6.14 10.71
CA HIS A 510 -27.86 -7.36 11.20
C HIS A 510 -26.80 -8.37 11.65
N ARG A 511 -27.18 -9.26 12.54
CA ARG A 511 -26.29 -10.32 12.99
C ARG A 511 -27.00 -11.66 12.87
N VAL A 512 -26.46 -12.55 12.06
CA VAL A 512 -27.07 -13.88 11.88
C VAL A 512 -26.25 -14.96 12.58
N ALA A 513 -26.91 -15.69 13.48
CA ALA A 513 -26.26 -16.74 14.24
C ALA A 513 -26.89 -18.10 14.01
N THR A 514 -28.21 -18.17 14.07
CA THR A 514 -28.92 -19.43 13.86
C THR A 514 -29.51 -19.51 12.45
N THR A 515 -29.50 -20.71 11.89
CA THR A 515 -30.02 -20.96 10.54
C THR A 515 -31.34 -20.24 10.29
N GLY A 516 -32.18 -20.18 11.31
CA GLY A 516 -33.46 -19.51 11.16
C GLY A 516 -33.27 -18.03 10.91
N GLU A 517 -32.43 -17.40 11.71
CA GLU A 517 -32.18 -15.97 11.57
C GLU A 517 -31.78 -15.60 10.14
N TRP A 518 -31.03 -16.47 9.47
CA TRP A 518 -30.60 -16.24 8.09
C TRP A 518 -31.80 -16.37 7.16
N ASP A 519 -32.60 -17.41 7.35
CA ASP A 519 -33.78 -17.62 6.51
C ASP A 519 -34.70 -16.40 6.63
N LYS A 520 -35.09 -16.06 7.85
CA LYS A 520 -35.99 -14.94 8.08
C LYS A 520 -35.48 -13.65 7.42
N LEU A 521 -34.17 -13.42 7.54
CA LEU A 521 -33.55 -12.23 6.97
C LEU A 521 -33.44 -12.24 5.44
N THR A 522 -32.94 -13.33 4.87
CA THR A 522 -32.78 -13.39 3.41
C THR A 522 -34.08 -13.59 2.66
N GLN A 523 -35.11 -14.07 3.34
CA GLN A 523 -36.39 -14.28 2.69
C GLN A 523 -37.25 -13.02 2.78
N ASP A 524 -36.83 -12.06 3.58
CA ASP A 524 -37.59 -10.82 3.72
C ASP A 524 -37.57 -10.12 2.37
N LYS A 525 -38.68 -9.51 1.96
CA LYS A 525 -38.70 -8.86 0.66
C LYS A 525 -38.05 -7.48 0.70
N SER A 526 -38.09 -6.83 1.86
CA SER A 526 -37.49 -5.52 1.99
C SER A 526 -35.97 -5.67 1.91
N PHE A 527 -35.44 -6.69 2.59
CA PHE A 527 -34.02 -6.98 2.59
C PHE A 527 -33.56 -7.26 1.15
N ASN A 528 -34.43 -7.95 0.39
CA ASN A 528 -34.15 -8.30 -1.00
C ASN A 528 -34.04 -7.06 -1.89
N ASP A 529 -34.32 -5.90 -1.34
CA ASP A 529 -34.27 -4.67 -2.11
C ASP A 529 -33.04 -3.85 -1.76
N ASN A 530 -32.19 -3.62 -2.75
CA ASN A 530 -30.97 -2.84 -2.55
C ASN A 530 -31.35 -1.38 -2.30
N SER A 531 -31.95 -1.13 -1.16
CA SER A 531 -32.40 0.20 -0.80
C SER A 531 -31.33 1.02 -0.10
N LYS A 532 -30.49 0.35 0.67
CA LYS A 532 -29.43 1.02 1.41
C LYS A 532 -28.26 0.09 1.69
N ILE A 533 -27.09 0.66 2.00
CA ILE A 533 -25.90 -0.14 2.32
C ILE A 533 -26.24 -0.97 3.57
N ARG A 534 -25.94 -2.27 3.54
CA ARG A 534 -26.23 -3.14 4.68
C ARG A 534 -25.06 -4.01 5.13
N MET A 535 -24.92 -4.21 6.44
CA MET A 535 -23.88 -5.06 6.95
C MET A 535 -24.49 -6.24 7.72
N ILE A 536 -24.12 -7.45 7.35
CA ILE A 536 -24.65 -8.63 8.02
C ILE A 536 -23.43 -9.32 8.64
N GLU A 537 -23.46 -9.57 9.94
CA GLU A 537 -22.34 -10.26 10.57
C GLU A 537 -22.74 -11.70 10.86
N VAL A 538 -22.12 -12.64 10.16
CA VAL A 538 -22.40 -14.06 10.30
C VAL A 538 -21.47 -14.74 11.30
N MET A 539 -21.95 -14.97 12.52
CA MET A 539 -21.13 -15.60 13.55
C MET A 539 -20.90 -17.06 13.18
N LEU A 540 -19.64 -17.43 12.96
CA LEU A 540 -19.33 -18.82 12.60
C LEU A 540 -18.22 -19.38 13.49
N PRO A 541 -18.15 -20.71 13.61
CA PRO A 541 -17.11 -21.33 14.44
C PRO A 541 -15.70 -21.18 13.85
N VAL A 542 -14.70 -21.17 14.73
CA VAL A 542 -13.30 -20.98 14.33
C VAL A 542 -12.74 -21.85 13.20
N PHE A 543 -12.80 -23.17 13.35
CA PHE A 543 -12.25 -24.04 12.33
C PHE A 543 -13.23 -24.53 11.27
N ASP A 544 -14.43 -23.96 11.25
CA ASP A 544 -15.41 -24.38 10.26
C ASP A 544 -15.07 -23.81 8.88
N ALA A 545 -15.27 -24.61 7.84
CA ALA A 545 -14.99 -24.17 6.48
C ALA A 545 -15.63 -25.16 5.50
N PRO A 546 -15.69 -24.82 4.20
CA PRO A 546 -16.28 -25.74 3.24
C PRO A 546 -15.74 -27.17 3.40
N GLN A 547 -16.66 -28.09 3.65
CA GLN A 547 -16.34 -29.52 3.83
C GLN A 547 -15.17 -30.05 2.99
N ASN A 548 -15.24 -29.88 1.66
CA ASN A 548 -14.17 -30.38 0.80
C ASN A 548 -12.81 -29.81 1.19
N LEU A 549 -12.81 -28.54 1.55
CA LEU A 549 -11.59 -27.85 1.93
C LEU A 549 -11.00 -28.39 3.24
N VAL A 550 -11.84 -28.57 4.25
CA VAL A 550 -11.39 -29.08 5.54
C VAL A 550 -11.04 -30.55 5.41
N GLU A 551 -11.16 -31.07 4.19
CA GLU A 551 -10.88 -32.46 3.92
C GLU A 551 -9.49 -32.61 3.27
N GLN A 552 -9.15 -31.65 2.41
CA GLN A 552 -7.86 -31.64 1.72
C GLN A 552 -6.82 -30.91 2.56
N ALA A 553 -7.29 -30.21 3.58
CA ALA A 553 -6.40 -29.48 4.47
C ALA A 553 -5.85 -30.48 5.47
N LYS A 554 -6.48 -31.64 5.54
CA LYS A 554 -6.07 -32.69 6.46
C LYS A 554 -5.16 -33.66 5.75
N LEU A 555 -5.42 -33.90 4.48
CA LEU A 555 -4.60 -34.83 3.70
C LEU A 555 -3.24 -34.23 3.36
N THR A 556 -3.24 -33.01 2.86
CA THR A 556 -1.99 -32.33 2.53
C THR A 556 -1.28 -31.97 3.83
N SER B 2 26.00 -28.30 19.22
CA SER B 2 24.54 -28.00 19.10
C SER B 2 24.23 -27.16 17.86
N GLU B 3 22.98 -27.27 17.41
CA GLU B 3 22.54 -26.57 16.22
C GLU B 3 21.31 -25.71 16.52
N ILE B 4 20.97 -24.84 15.57
CA ILE B 4 19.82 -23.97 15.73
C ILE B 4 19.30 -23.78 14.32
N THR B 5 17.97 -23.68 14.18
CA THR B 5 17.39 -23.51 12.85
C THR B 5 17.51 -22.07 12.34
N LEU B 6 17.87 -21.95 11.07
CA LEU B 6 18.02 -20.64 10.45
C LEU B 6 16.89 -19.71 10.87
N GLY B 7 15.67 -20.22 10.89
CA GLY B 7 14.57 -19.38 11.30
C GLY B 7 14.81 -18.77 12.67
N LYS B 8 15.23 -19.60 13.62
CA LYS B 8 15.47 -19.12 14.98
C LYS B 8 16.70 -18.24 15.09
N TYR B 9 17.70 -18.53 14.26
CA TYR B 9 18.95 -17.78 14.24
C TYR B 9 18.70 -16.34 13.85
N LEU B 10 17.78 -16.12 12.93
CA LEU B 10 17.50 -14.76 12.50
C LEU B 10 17.06 -13.96 13.72
N PHE B 11 15.92 -14.34 14.27
CA PHE B 11 15.36 -13.68 15.45
C PHE B 11 16.35 -13.52 16.60
N GLU B 12 17.20 -14.52 16.75
CA GLU B 12 18.22 -14.50 17.80
C GLU B 12 19.12 -13.30 17.54
N ARG B 13 19.61 -13.21 16.31
CA ARG B 13 20.49 -12.13 15.93
C ARG B 13 19.76 -10.79 16.18
N LEU B 14 18.48 -10.74 15.81
CA LEU B 14 17.73 -9.51 15.99
C LEU B 14 17.70 -9.11 17.46
N LYS B 15 17.36 -10.07 18.32
CA LYS B 15 17.31 -9.85 19.76
C LYS B 15 18.65 -9.28 20.23
N GLN B 16 19.74 -9.82 19.67
CA GLN B 16 21.06 -9.33 20.05
C GLN B 16 21.23 -7.86 19.72
N VAL B 17 20.67 -7.43 18.58
CA VAL B 17 20.81 -6.03 18.18
C VAL B 17 19.70 -5.16 18.71
N ASN B 18 18.92 -5.75 19.62
CA ASN B 18 17.81 -5.07 20.29
C ASN B 18 16.55 -4.76 19.50
N VAL B 19 16.26 -5.51 18.44
CA VAL B 19 15.02 -5.29 17.69
C VAL B 19 14.09 -6.32 18.31
N ASN B 20 13.41 -5.92 19.37
CA ASN B 20 12.54 -6.80 20.12
C ASN B 20 11.10 -6.93 19.62
N THR B 21 10.75 -6.19 18.58
CA THR B 21 9.41 -6.26 18.02
C THR B 21 9.55 -6.41 16.52
N VAL B 22 8.82 -7.37 15.94
CA VAL B 22 8.86 -7.62 14.51
C VAL B 22 7.56 -7.17 13.89
N PHE B 23 7.60 -6.61 12.69
CA PHE B 23 6.38 -6.13 12.06
C PHE B 23 5.96 -6.94 10.84
N GLY B 24 4.68 -6.86 10.49
CA GLY B 24 4.20 -7.61 9.34
C GLY B 24 2.90 -8.36 9.54
N LEU B 25 2.63 -9.29 8.63
CA LEU B 25 1.45 -10.12 8.65
C LEU B 25 1.83 -11.49 8.11
N PRO B 26 1.26 -12.57 8.69
CA PRO B 26 1.53 -13.95 8.29
C PRO B 26 1.06 -14.23 6.87
N GLY B 27 1.57 -15.30 6.28
CA GLY B 27 1.17 -15.61 4.93
C GLY B 27 2.02 -16.69 4.30
N ASP B 28 2.05 -16.70 2.97
CA ASP B 28 2.80 -17.69 2.21
C ASP B 28 4.31 -17.65 2.41
N PHE B 29 4.86 -18.83 2.60
CA PHE B 29 6.29 -19.04 2.78
C PHE B 29 6.91 -18.38 4.02
N ASN B 30 6.09 -17.82 4.90
CA ASN B 30 6.65 -17.20 6.09
C ASN B 30 6.02 -17.69 7.40
N LEU B 31 5.12 -18.67 7.31
CA LEU B 31 4.45 -19.21 8.50
C LEU B 31 5.38 -19.98 9.43
N SER B 32 6.20 -20.87 8.87
CA SER B 32 7.13 -21.62 9.71
C SER B 32 8.19 -20.69 10.28
N LEU B 33 8.68 -19.77 9.46
CA LEU B 33 9.68 -18.82 9.93
C LEU B 33 9.15 -18.06 11.14
N LEU B 34 7.87 -17.68 11.08
CA LEU B 34 7.23 -16.94 12.16
C LEU B 34 7.10 -17.72 13.48
N ASP B 35 7.09 -19.04 13.42
CA ASP B 35 7.02 -19.81 14.65
C ASP B 35 8.25 -19.52 15.51
N LYS B 36 9.39 -19.40 14.84
CA LYS B 36 10.67 -19.13 15.49
C LYS B 36 10.71 -17.94 16.45
N ILE B 37 10.24 -16.77 16.01
CA ILE B 37 10.25 -15.59 16.88
C ILE B 37 9.66 -15.95 18.24
N TYR B 38 8.56 -16.68 18.23
CA TYR B 38 7.93 -17.07 19.48
C TYR B 38 8.83 -17.97 20.32
N GLU B 39 9.93 -18.42 19.72
CA GLU B 39 10.87 -19.28 20.42
C GLU B 39 11.93 -18.48 21.18
N VAL B 40 12.16 -17.24 20.75
CA VAL B 40 13.16 -16.39 21.37
C VAL B 40 12.58 -15.49 22.46
N GLU B 41 13.23 -15.52 23.62
CA GLU B 41 12.79 -14.74 24.77
C GLU B 41 12.75 -13.24 24.55
N GLY B 42 11.61 -12.64 24.87
CA GLY B 42 11.47 -11.20 24.74
C GLY B 42 11.14 -10.69 23.35
N MET B 43 10.93 -11.62 22.42
CA MET B 43 10.58 -11.22 21.06
C MET B 43 9.07 -11.25 20.98
N ARG B 44 8.47 -10.34 20.23
CA ARG B 44 7.04 -10.34 20.07
C ARG B 44 6.70 -10.04 18.62
N TRP B 45 5.49 -10.39 18.22
CA TRP B 45 5.05 -10.17 16.85
C TRP B 45 3.91 -9.16 16.86
N ALA B 46 4.21 -7.96 16.39
CA ALA B 46 3.24 -6.87 16.36
C ALA B 46 1.85 -7.31 15.95
N GLY B 47 1.74 -8.05 14.85
CA GLY B 47 0.43 -8.47 14.38
C GLY B 47 -0.26 -7.31 13.71
N ASN B 48 0.35 -6.75 12.67
CA ASN B 48 -0.25 -5.62 12.00
C ASN B 48 -1.50 -5.93 11.21
N ALA B 49 -2.19 -4.87 10.79
CA ALA B 49 -3.41 -4.99 10.01
C ALA B 49 -3.19 -4.48 8.58
N ASN B 50 -1.94 -4.34 8.17
CA ASN B 50 -1.65 -3.80 6.84
C ASN B 50 -0.13 -3.79 6.52
N GLU B 51 0.29 -4.42 5.44
CA GLU B 51 1.73 -4.41 5.10
C GLU B 51 2.27 -2.99 5.00
N LEU B 52 1.42 -2.03 4.67
CA LEU B 52 1.88 -0.65 4.57
C LEU B 52 2.06 -0.12 6.01
N ASN B 53 0.95 -0.11 6.76
CA ASN B 53 1.00 0.36 8.15
C ASN B 53 2.15 -0.33 8.88
N ALA B 54 2.40 -1.60 8.55
CA ALA B 54 3.49 -2.31 9.20
C ALA B 54 4.80 -1.69 8.76
N ALA B 55 4.93 -1.39 7.47
CA ALA B 55 6.18 -0.81 6.98
C ALA B 55 6.41 0.56 7.64
N TYR B 56 5.31 1.29 7.86
CA TYR B 56 5.38 2.60 8.51
C TYR B 56 5.81 2.39 9.98
N ALA B 57 5.11 1.51 10.69
CA ALA B 57 5.43 1.23 12.08
C ALA B 57 6.90 0.87 12.23
N ALA B 58 7.39 0.04 11.31
CA ALA B 58 8.79 -0.39 11.35
C ALA B 58 9.73 0.81 11.23
N ASP B 59 9.28 1.86 10.55
CA ASP B 59 10.10 3.04 10.37
C ASP B 59 10.16 3.83 11.69
N GLY B 60 8.99 4.05 12.28
CA GLY B 60 8.93 4.76 13.55
C GLY B 60 9.77 4.02 14.58
N TYR B 61 9.61 2.71 14.61
CA TYR B 61 10.38 1.88 15.52
C TYR B 61 11.89 2.06 15.28
N ALA B 62 12.30 2.05 14.01
CA ALA B 62 13.73 2.18 13.71
C ALA B 62 14.24 3.51 14.25
N ARG B 63 13.54 4.57 13.90
CA ARG B 63 13.89 5.92 14.34
C ARG B 63 14.14 6.02 15.84
N ILE B 64 13.32 5.33 16.62
CA ILE B 64 13.43 5.36 18.07
C ILE B 64 14.36 4.33 18.68
N LYS B 65 14.26 3.07 18.25
CA LYS B 65 15.08 1.99 18.80
C LYS B 65 16.44 1.80 18.16
N GLY B 66 16.62 2.31 16.95
CA GLY B 66 17.91 2.16 16.27
C GLY B 66 17.78 1.60 14.88
N MET B 67 17.05 0.51 14.76
CA MET B 67 16.78 -0.16 13.49
C MET B 67 15.57 -1.04 13.74
N SER B 68 14.96 -1.55 12.68
CA SER B 68 13.79 -2.39 12.82
C SER B 68 13.75 -3.52 11.79
N CYS B 69 12.66 -4.29 11.80
CA CYS B 69 12.47 -5.39 10.87
C CYS B 69 11.02 -5.77 10.63
N ILE B 70 10.67 -5.88 9.35
CA ILE B 70 9.34 -6.25 8.94
C ILE B 70 9.37 -7.52 8.06
N ILE B 71 8.41 -8.41 8.27
CA ILE B 71 8.31 -9.64 7.48
C ILE B 71 7.00 -9.66 6.69
N THR B 72 7.09 -9.69 5.36
CA THR B 72 5.88 -9.72 4.56
C THR B 72 5.88 -11.00 3.74
N THR B 73 4.80 -11.24 3.01
CA THR B 73 4.70 -12.44 2.21
C THR B 73 5.02 -12.20 0.75
N PHE B 74 5.50 -13.25 0.10
CA PHE B 74 5.87 -13.24 -1.32
C PHE B 74 4.79 -12.61 -2.21
N GLY B 75 5.20 -11.65 -3.02
CA GLY B 75 4.29 -11.00 -3.94
C GLY B 75 3.28 -10.03 -3.38
N VAL B 76 2.15 -10.55 -2.89
CA VAL B 76 1.07 -9.71 -2.37
C VAL B 76 1.43 -8.89 -1.13
N GLY B 77 2.33 -9.45 -0.32
CA GLY B 77 2.77 -8.77 0.88
C GLY B 77 3.87 -7.74 0.63
N GLU B 78 4.99 -8.19 0.06
CA GLU B 78 6.11 -7.30 -0.19
C GLU B 78 5.76 -6.04 -1.01
N LEU B 79 4.97 -6.18 -2.07
CA LEU B 79 4.60 -5.01 -2.88
C LEU B 79 3.76 -3.95 -2.15
N SER B 80 2.99 -4.37 -1.15
CA SER B 80 2.14 -3.45 -0.41
C SER B 80 2.97 -2.53 0.48
N ALA B 81 4.09 -3.03 0.98
CA ALA B 81 4.96 -2.27 1.88
C ALA B 81 5.96 -1.34 1.19
N LEU B 82 6.09 -1.47 -0.12
CA LEU B 82 7.05 -0.68 -0.88
C LEU B 82 7.12 0.82 -0.59
N ASN B 83 5.99 1.49 -0.60
CA ASN B 83 5.95 2.94 -0.35
C ASN B 83 6.56 3.26 1.01
N GLY B 84 6.29 2.41 1.99
CA GLY B 84 6.86 2.64 3.31
C GLY B 84 8.34 2.36 3.30
N ILE B 85 8.78 1.51 2.38
CA ILE B 85 10.19 1.20 2.27
C ILE B 85 10.85 2.40 1.59
N ALA B 86 10.34 2.79 0.43
CA ALA B 86 10.87 3.93 -0.28
C ALA B 86 11.12 5.11 0.69
N GLY B 87 10.13 5.38 1.55
CA GLY B 87 10.25 6.47 2.50
C GLY B 87 11.43 6.28 3.45
N SER B 88 11.63 5.06 3.91
CA SER B 88 12.71 4.80 4.83
C SER B 88 14.04 4.88 4.09
N TYR B 89 14.01 4.60 2.79
CA TYR B 89 15.22 4.67 1.99
C TYR B 89 15.56 6.13 1.79
N ALA B 90 14.53 6.92 1.52
CA ALA B 90 14.68 8.34 1.28
C ALA B 90 15.16 9.17 2.47
N GLU B 91 14.60 8.92 3.66
CA GLU B 91 15.00 9.66 4.85
C GLU B 91 16.02 8.98 5.74
N HIS B 92 16.77 8.05 5.16
CA HIS B 92 17.81 7.34 5.89
C HIS B 92 17.39 6.62 7.17
N VAL B 93 16.50 5.63 7.03
CA VAL B 93 16.02 4.84 8.17
C VAL B 93 16.40 3.39 7.97
N GLY B 94 17.01 2.79 8.99
CA GLY B 94 17.42 1.40 8.91
C GLY B 94 16.28 0.41 9.09
N VAL B 95 15.87 -0.22 8.00
CA VAL B 95 14.76 -1.19 8.05
C VAL B 95 15.10 -2.47 7.28
N LEU B 96 15.03 -3.61 7.97
CA LEU B 96 15.31 -4.86 7.29
C LEU B 96 14.04 -5.52 6.77
N HIS B 97 13.85 -5.46 5.46
CA HIS B 97 12.65 -6.09 4.89
C HIS B 97 12.93 -7.54 4.55
N VAL B 98 12.25 -8.44 5.25
CA VAL B 98 12.41 -9.88 5.04
C VAL B 98 11.10 -10.47 4.47
N VAL B 99 11.18 -11.06 3.30
CA VAL B 99 10.01 -11.68 2.70
C VAL B 99 10.18 -13.18 2.63
N GLY B 100 9.11 -13.92 2.94
CA GLY B 100 9.16 -15.37 2.90
C GLY B 100 9.01 -15.78 1.46
N VAL B 101 10.07 -16.34 0.90
CA VAL B 101 10.08 -16.74 -0.50
C VAL B 101 9.84 -18.23 -0.68
N PRO B 102 9.30 -18.63 -1.83
CA PRO B 102 9.03 -20.05 -2.12
C PRO B 102 10.28 -20.92 -2.04
N SER B 103 10.07 -22.21 -1.85
CA SER B 103 11.17 -23.16 -1.75
C SER B 103 12.09 -23.12 -2.98
N ILE B 104 13.39 -23.24 -2.72
CA ILE B 104 14.41 -23.22 -3.77
C ILE B 104 14.61 -24.65 -4.30
N SER B 105 14.21 -24.89 -5.54
CA SER B 105 14.33 -26.23 -6.15
C SER B 105 15.42 -26.38 -7.23
N ALA B 106 15.83 -27.64 -7.45
CA ALA B 106 16.88 -27.96 -8.42
C ALA B 106 16.43 -27.82 -9.87
N GLN B 107 15.12 -27.83 -10.08
CA GLN B 107 14.53 -27.72 -11.41
C GLN B 107 13.48 -26.59 -11.49
N ALA B 108 12.86 -26.45 -12.66
CA ALA B 108 11.87 -25.41 -12.87
C ALA B 108 10.66 -25.58 -11.96
N LYS B 109 10.32 -24.50 -11.28
CA LYS B 109 9.17 -24.48 -10.38
C LYS B 109 7.94 -24.34 -11.28
N GLN B 110 7.73 -25.34 -12.13
CA GLN B 110 6.62 -25.33 -13.06
C GLN B 110 5.26 -25.07 -12.40
N LEU B 111 5.08 -25.53 -11.17
CA LEU B 111 3.80 -25.38 -10.48
C LEU B 111 3.56 -24.18 -9.55
N LEU B 112 4.43 -23.20 -9.55
CA LEU B 112 4.23 -22.04 -8.68
C LEU B 112 3.41 -21.00 -9.42
N LEU B 113 2.22 -20.68 -8.93
CA LEU B 113 1.42 -19.70 -9.63
C LEU B 113 0.80 -18.66 -8.73
N HIS B 114 0.16 -19.10 -7.64
CA HIS B 114 -0.51 -18.17 -6.73
C HIS B 114 0.46 -17.08 -6.27
N HIS B 115 -0.02 -15.84 -6.29
CA HIS B 115 0.77 -14.68 -5.90
C HIS B 115 1.91 -14.42 -6.88
N THR B 116 1.69 -14.68 -8.16
CA THR B 116 2.72 -14.44 -9.16
C THR B 116 2.15 -13.69 -10.35
N LEU B 117 3.01 -13.08 -11.15
CA LEU B 117 2.52 -12.35 -12.29
C LEU B 117 2.03 -13.31 -13.36
N GLY B 118 2.26 -14.60 -13.14
CA GLY B 118 1.82 -15.60 -14.09
C GLY B 118 2.73 -15.86 -15.29
N ASN B 119 3.83 -15.12 -15.38
CA ASN B 119 4.76 -15.27 -16.49
C ASN B 119 5.94 -16.12 -16.13
N GLY B 120 5.87 -16.81 -14.99
CA GLY B 120 6.99 -17.66 -14.58
C GLY B 120 8.17 -16.99 -13.91
N ASP B 121 8.31 -15.69 -14.08
CA ASP B 121 9.43 -14.92 -13.50
C ASP B 121 9.26 -14.58 -12.00
N PHE B 122 10.01 -15.29 -11.17
CA PHE B 122 9.95 -15.14 -9.73
C PHE B 122 10.98 -14.20 -9.09
N THR B 123 11.75 -13.47 -9.91
CA THR B 123 12.74 -12.55 -9.37
C THR B 123 12.25 -11.12 -9.49
N VAL B 124 11.13 -10.92 -10.18
CA VAL B 124 10.58 -9.59 -10.40
C VAL B 124 10.35 -8.72 -9.17
N PHE B 125 9.73 -9.28 -8.13
CA PHE B 125 9.47 -8.50 -6.93
C PHE B 125 10.77 -8.09 -6.25
N HIS B 126 11.78 -8.95 -6.37
CA HIS B 126 13.10 -8.67 -5.81
C HIS B 126 13.72 -7.55 -6.65
N ARG B 127 13.77 -7.71 -7.97
CA ARG B 127 14.33 -6.66 -8.81
C ARG B 127 13.72 -5.30 -8.53
N MET B 128 12.42 -5.30 -8.24
CA MET B 128 11.72 -4.05 -7.96
C MET B 128 12.23 -3.40 -6.69
N SER B 129 12.32 -4.18 -5.61
CA SER B 129 12.82 -3.65 -4.34
C SER B 129 14.28 -3.23 -4.40
N ALA B 130 14.98 -3.66 -5.44
CA ALA B 130 16.39 -3.31 -5.57
C ALA B 130 16.60 -1.79 -5.61
N ASN B 131 15.70 -1.08 -6.29
CA ASN B 131 15.80 0.37 -6.44
C ASN B 131 15.68 1.22 -5.16
N ILE B 132 15.06 0.68 -4.14
CA ILE B 132 14.91 1.42 -2.91
C ILE B 132 15.57 0.65 -1.79
N SER B 133 16.60 -0.09 -2.14
CA SER B 133 17.34 -0.88 -1.13
C SER B 133 18.84 -0.60 -1.18
N GLU B 134 19.48 -0.55 -0.02
CA GLU B 134 20.91 -0.32 0.03
C GLU B 134 21.64 -1.50 -0.60
N THR B 135 21.14 -2.69 -0.26
CA THR B 135 21.69 -3.96 -0.75
C THR B 135 20.57 -4.98 -0.61
N THR B 136 20.68 -6.08 -1.36
CA THR B 136 19.70 -7.16 -1.30
C THR B 136 20.39 -8.52 -1.24
N ALA B 137 19.74 -9.50 -0.63
CA ALA B 137 20.31 -10.83 -0.51
C ALA B 137 19.25 -11.93 -0.63
N MET B 138 19.28 -12.66 -1.74
CA MET B 138 18.36 -13.75 -1.98
C MET B 138 19.16 -15.02 -1.73
N ILE B 139 19.07 -15.54 -0.52
CA ILE B 139 19.81 -16.74 -0.09
C ILE B 139 19.42 -18.06 -0.78
N THR B 140 20.44 -18.86 -1.10
CA THR B 140 20.22 -20.14 -1.76
C THR B 140 20.80 -21.36 -1.06
N ASP B 141 21.90 -21.22 -0.33
CA ASP B 141 22.42 -22.40 0.39
C ASP B 141 22.82 -22.07 1.81
N ILE B 142 22.32 -22.86 2.76
CA ILE B 142 22.63 -22.62 4.16
C ILE B 142 24.11 -22.67 4.46
N ALA B 143 24.91 -22.98 3.44
CA ALA B 143 26.35 -23.03 3.67
C ALA B 143 26.85 -21.67 4.16
N THR B 144 26.14 -20.60 3.84
CA THR B 144 26.55 -19.28 4.27
C THR B 144 25.37 -18.37 4.59
N ALA B 145 24.17 -18.95 4.68
CA ALA B 145 22.96 -18.20 4.99
C ALA B 145 23.14 -17.29 6.21
N PRO B 146 23.73 -17.80 7.29
CA PRO B 146 23.93 -16.96 8.48
C PRO B 146 24.83 -15.74 8.20
N ALA B 147 25.93 -15.97 7.49
CA ALA B 147 26.84 -14.86 7.15
C ALA B 147 26.05 -13.82 6.38
N GLU B 148 25.13 -14.28 5.54
CA GLU B 148 24.33 -13.36 4.74
C GLU B 148 23.29 -12.62 5.55
N ILE B 149 22.80 -13.26 6.61
CA ILE B 149 21.81 -12.60 7.47
C ILE B 149 22.56 -11.54 8.21
N ASP B 150 23.66 -11.95 8.82
CA ASP B 150 24.49 -11.01 9.57
C ASP B 150 24.73 -9.76 8.72
N ARG B 151 25.14 -9.98 7.48
CA ARG B 151 25.44 -8.91 6.53
C ARG B 151 24.28 -7.94 6.30
N CYS B 152 23.09 -8.46 6.03
CA CYS B 152 21.94 -7.58 5.81
C CYS B 152 21.63 -6.83 7.08
N ILE B 153 21.87 -7.45 8.23
CA ILE B 153 21.60 -6.76 9.50
C ILE B 153 22.69 -5.71 9.72
N ARG B 154 23.95 -6.09 9.51
CA ARG B 154 25.00 -5.11 9.69
C ARG B 154 24.82 -3.94 8.72
N THR B 155 24.58 -4.23 7.45
CA THR B 155 24.44 -3.13 6.49
C THR B 155 23.31 -2.18 6.88
N THR B 156 22.16 -2.74 7.25
CA THR B 156 21.02 -1.90 7.64
C THR B 156 21.39 -0.93 8.77
N TYR B 157 21.87 -1.47 9.88
CA TYR B 157 22.23 -0.65 11.03
C TYR B 157 23.32 0.38 10.74
N VAL B 158 24.42 -0.11 10.17
CA VAL B 158 25.57 0.71 9.80
C VAL B 158 25.28 1.90 8.89
N THR B 159 24.57 1.64 7.79
CA THR B 159 24.25 2.67 6.80
C THR B 159 22.85 3.29 6.92
N GLN B 160 22.08 2.80 7.89
CA GLN B 160 20.72 3.30 8.13
C GLN B 160 19.88 3.49 6.87
N ARG B 161 19.71 2.41 6.11
CA ARG B 161 18.90 2.39 4.91
C ARG B 161 18.34 0.99 4.73
N PRO B 162 17.14 0.88 4.14
CA PRO B 162 16.47 -0.41 3.91
C PRO B 162 17.27 -1.48 3.18
N VAL B 163 17.20 -2.71 3.71
CA VAL B 163 17.88 -3.86 3.16
C VAL B 163 16.91 -5.02 2.89
N TYR B 164 16.91 -5.55 1.67
CA TYR B 164 16.02 -6.67 1.27
C TYR B 164 16.64 -8.04 1.52
N LEU B 165 15.91 -8.87 2.27
CA LEU B 165 16.37 -10.22 2.59
C LEU B 165 15.32 -11.25 2.19
N GLY B 166 15.57 -11.95 1.09
CA GLY B 166 14.65 -12.96 0.63
C GLY B 166 15.05 -14.27 1.25
N LEU B 167 14.10 -14.99 1.86
CA LEU B 167 14.42 -16.25 2.50
C LEU B 167 13.50 -17.37 2.05
N PRO B 168 14.03 -18.36 1.31
CA PRO B 168 13.20 -19.47 0.85
C PRO B 168 12.61 -20.24 2.03
N ALA B 169 11.38 -20.70 1.88
CA ALA B 169 10.71 -21.43 2.96
C ALA B 169 11.43 -22.69 3.39
N ASN B 170 11.92 -23.48 2.44
CA ASN B 170 12.58 -24.74 2.80
C ASN B 170 13.83 -24.61 3.66
N LEU B 171 14.39 -23.41 3.76
CA LEU B 171 15.61 -23.21 4.55
C LEU B 171 15.34 -22.76 5.97
N VAL B 172 14.22 -22.11 6.22
CA VAL B 172 13.97 -21.66 7.58
C VAL B 172 14.11 -22.79 8.59
N ASP B 173 13.91 -24.03 8.15
CA ASP B 173 13.99 -25.17 9.05
C ASP B 173 15.27 -25.99 9.03
N LEU B 174 16.30 -25.51 8.35
CA LEU B 174 17.56 -26.25 8.34
C LEU B 174 18.40 -25.80 9.53
N ASN B 175 19.33 -26.66 9.96
CA ASN B 175 20.18 -26.32 11.08
C ASN B 175 21.51 -25.73 10.70
N VAL B 176 21.94 -24.78 11.53
CA VAL B 176 23.21 -24.14 11.35
C VAL B 176 23.86 -24.14 12.73
N PRO B 177 25.20 -24.12 12.78
CA PRO B 177 25.99 -24.13 14.01
C PRO B 177 25.58 -23.04 15.01
N ALA B 178 24.93 -23.44 16.10
CA ALA B 178 24.50 -22.50 17.13
C ALA B 178 25.68 -21.71 17.70
N LYS B 179 26.87 -22.28 17.59
CA LYS B 179 28.10 -21.65 18.08
C LYS B 179 28.20 -20.26 17.50
N LEU B 180 27.91 -20.14 16.22
CA LEU B 180 27.97 -18.88 15.51
C LEU B 180 27.34 -17.69 16.24
N LEU B 181 26.40 -17.98 17.13
CA LEU B 181 25.74 -16.91 17.86
C LEU B 181 26.57 -16.24 18.95
N GLN B 182 27.70 -16.83 19.34
CA GLN B 182 28.55 -16.29 20.40
C GLN B 182 29.40 -15.09 20.01
N THR B 183 29.60 -14.88 18.71
CA THR B 183 30.37 -13.72 18.26
C THR B 183 29.40 -12.68 17.74
N PRO B 184 29.14 -11.64 18.55
CA PRO B 184 28.21 -10.60 18.10
C PRO B 184 28.58 -10.06 16.73
N ILE B 185 27.63 -9.40 16.10
CA ILE B 185 27.85 -8.82 14.79
C ILE B 185 28.63 -7.54 15.01
N ASP B 186 29.56 -7.22 14.10
CA ASP B 186 30.35 -6.01 14.22
C ASP B 186 29.51 -4.85 13.71
N MET B 187 29.13 -3.95 14.60
CA MET B 187 28.29 -2.82 14.21
C MET B 187 29.08 -1.53 14.20
N SER B 188 30.39 -1.65 14.18
CA SER B 188 31.25 -0.48 14.18
C SER B 188 31.67 -0.07 12.78
N LEU B 189 32.04 1.19 12.64
CA LEU B 189 32.49 1.71 11.36
C LEU B 189 34.01 1.63 11.37
N LYS B 190 34.61 1.30 10.23
CA LYS B 190 36.05 1.22 10.17
C LYS B 190 36.56 2.65 10.25
N PRO B 191 37.76 2.86 10.79
CA PRO B 191 38.30 4.22 10.90
C PRO B 191 38.55 4.83 9.52
N ASN B 192 38.57 6.16 9.47
CA ASN B 192 38.77 6.89 8.22
C ASN B 192 40.20 6.83 7.71
N ASP B 193 40.36 7.08 6.41
CA ASP B 193 41.70 7.09 5.82
C ASP B 193 42.41 8.25 6.48
N ALA B 194 43.48 7.93 7.22
CA ALA B 194 44.26 8.93 7.96
C ALA B 194 44.62 10.18 7.18
N GLU B 195 45.19 10.00 5.99
CA GLU B 195 45.62 11.11 5.15
C GLU B 195 44.54 12.06 4.65
N SER B 196 43.31 11.58 4.55
CA SER B 196 42.17 12.40 4.08
C SER B 196 41.47 13.08 5.25
N GLU B 197 41.13 12.30 6.27
CA GLU B 197 40.47 12.85 7.44
C GLU B 197 41.36 14.01 7.87
N LYS B 198 42.66 13.81 7.73
CA LYS B 198 43.65 14.82 8.07
C LYS B 198 43.38 16.06 7.23
N GLU B 199 43.53 15.92 5.91
CA GLU B 199 43.31 17.02 4.99
C GLU B 199 42.04 17.75 5.34
N VAL B 200 40.97 16.99 5.55
CA VAL B 200 39.68 17.55 5.89
C VAL B 200 39.79 18.50 7.09
N ILE B 201 40.53 18.06 8.11
CA ILE B 201 40.72 18.89 9.30
C ILE B 201 41.47 20.18 8.96
N ASP B 202 42.72 20.08 8.53
CA ASP B 202 43.52 21.25 8.17
C ASP B 202 42.55 22.32 7.73
N THR B 203 41.91 22.03 6.60
CA THR B 203 40.94 22.90 5.95
C THR B 203 39.84 23.48 6.85
N ILE B 204 39.19 22.65 7.66
CA ILE B 204 38.11 23.16 8.52
C ILE B 204 38.60 24.17 9.55
N LEU B 205 39.78 23.96 10.12
CA LEU B 205 40.30 24.94 11.08
C LEU B 205 40.65 26.18 10.27
N VAL B 206 41.33 25.97 9.14
CA VAL B 206 41.70 27.05 8.24
C VAL B 206 40.45 27.91 8.02
N LEU B 207 39.32 27.25 7.76
CA LEU B 207 38.05 27.94 7.54
C LEU B 207 37.50 28.59 8.80
N ILE B 208 37.57 27.89 9.91
CA ILE B 208 37.08 28.39 11.19
C ILE B 208 37.88 29.61 11.65
N LYS B 209 39.15 29.64 11.26
CA LYS B 209 40.02 30.74 11.64
C LYS B 209 39.67 32.02 10.88
N ASP B 210 39.51 31.90 9.57
CA ASP B 210 39.18 33.07 8.78
C ASP B 210 37.76 33.56 9.01
N ALA B 211 36.88 32.63 9.38
CA ALA B 211 35.48 32.97 9.64
C ALA B 211 35.33 33.99 10.76
N LYS B 212 34.41 34.93 10.59
CA LYS B 212 34.18 35.96 11.60
C LYS B 212 32.82 35.74 12.25
N ASN B 213 31.87 35.19 11.50
CA ASN B 213 30.53 34.93 12.02
C ASN B 213 30.06 33.51 11.66
N PRO B 214 30.50 32.50 12.43
CA PRO B 214 30.13 31.10 12.22
C PRO B 214 28.81 30.77 12.86
N VAL B 215 28.19 29.70 12.38
CA VAL B 215 26.92 29.22 12.89
C VAL B 215 26.85 27.72 12.65
N ILE B 216 26.32 26.99 13.63
CA ILE B 216 26.18 25.55 13.53
C ILE B 216 24.76 25.27 13.04
N LEU B 217 24.60 24.26 12.20
CA LEU B 217 23.29 23.93 11.69
C LEU B 217 23.08 22.42 11.75
N ALA B 218 22.32 21.97 12.75
CA ALA B 218 22.02 20.55 12.93
C ALA B 218 20.95 20.11 11.93
N ASP B 219 21.21 19.01 11.22
CA ASP B 219 20.29 18.50 10.21
C ASP B 219 19.91 17.04 10.39
N ALA B 220 18.90 16.62 9.63
CA ALA B 220 18.37 15.25 9.64
C ALA B 220 19.23 14.13 10.21
N CYS B 221 20.40 13.92 9.61
CA CYS B 221 21.28 12.83 10.02
C CYS B 221 22.20 13.03 11.23
N CYS B 222 21.79 13.87 12.16
CA CYS B 222 22.59 14.11 13.35
C CYS B 222 21.86 13.53 14.55
N SER B 223 20.67 12.98 14.31
CA SER B 223 19.86 12.39 15.36
C SER B 223 20.05 10.89 15.55
N ARG B 224 19.89 10.09 14.50
CA ARG B 224 20.07 8.64 14.63
C ARG B 224 21.35 8.10 14.01
N HIS B 225 22.45 8.84 14.12
CA HIS B 225 23.70 8.41 13.55
C HIS B 225 24.79 8.23 14.59
N ASP B 226 24.36 8.04 15.83
CA ASP B 226 25.27 7.83 16.95
C ASP B 226 26.33 8.91 16.98
N VAL B 227 25.89 10.16 16.86
CA VAL B 227 26.82 11.27 16.86
C VAL B 227 26.31 12.41 17.74
N LYS B 228 25.42 12.08 18.67
CA LYS B 228 24.83 13.08 19.57
C LYS B 228 25.85 13.79 20.42
N ALA B 229 26.78 13.04 21.00
CA ALA B 229 27.80 13.64 21.84
C ALA B 229 28.62 14.62 21.01
N GLU B 230 29.32 14.08 20.00
CA GLU B 230 30.16 14.89 19.12
C GLU B 230 29.53 16.24 18.82
N THR B 231 28.22 16.23 18.59
CA THR B 231 27.48 17.45 18.28
C THR B 231 27.27 18.37 19.48
N LYS B 232 26.99 17.79 20.65
CA LYS B 232 26.82 18.62 21.83
C LYS B 232 28.15 19.25 22.18
N LYS B 233 29.23 18.52 21.91
CA LYS B 233 30.56 19.04 22.20
C LYS B 233 30.92 20.19 21.27
N LEU B 234 30.66 20.05 19.98
CA LEU B 234 30.97 21.10 19.02
C LEU B 234 30.33 22.42 19.41
N ILE B 235 29.06 22.35 19.84
CA ILE B 235 28.34 23.54 20.26
C ILE B 235 29.01 24.21 21.46
N ASP B 236 29.43 23.42 22.44
CA ASP B 236 30.08 23.95 23.63
C ASP B 236 31.44 24.56 23.32
N LEU B 237 32.34 23.70 22.85
CA LEU B 237 33.69 24.13 22.53
C LEU B 237 33.77 25.37 21.67
N THR B 238 32.85 25.53 20.72
CA THR B 238 32.89 26.70 19.86
C THR B 238 32.06 27.86 20.40
N GLN B 239 30.84 27.56 20.83
CA GLN B 239 29.91 28.55 21.36
C GLN B 239 29.29 29.38 20.25
N PHE B 240 29.41 28.88 19.02
CA PHE B 240 28.83 29.55 17.87
C PHE B 240 27.32 29.42 18.01
N PRO B 241 26.56 30.22 17.25
CA PRO B 241 25.09 30.18 17.26
C PRO B 241 24.60 28.88 16.59
N ALA B 242 23.68 28.16 17.22
CA ALA B 242 23.17 26.92 16.66
C ALA B 242 21.72 26.99 16.18
N PHE B 243 21.47 26.43 15.00
CA PHE B 243 20.13 26.41 14.43
C PHE B 243 19.82 25.03 13.86
N VAL B 244 18.54 24.70 13.79
CA VAL B 244 18.11 23.42 13.25
C VAL B 244 17.27 23.59 12.01
N THR B 245 17.07 22.50 11.28
CA THR B 245 16.26 22.53 10.09
C THR B 245 14.98 21.80 10.50
N PRO B 246 13.89 22.01 9.75
CA PRO B 246 12.66 21.31 10.13
C PRO B 246 12.90 19.82 10.27
N MET B 247 13.92 19.32 9.60
CA MET B 247 14.25 17.91 9.69
C MET B 247 15.19 17.66 10.87
N GLY B 248 15.95 18.68 11.25
CA GLY B 248 16.86 18.53 12.36
C GLY B 248 16.21 18.77 13.71
N LYS B 249 15.11 19.50 13.72
CA LYS B 249 14.42 19.80 14.97
C LYS B 249 14.19 18.55 15.82
N GLY B 250 14.65 18.59 17.07
CA GLY B 250 14.49 17.46 17.97
C GLY B 250 15.83 16.83 18.32
N SER B 251 16.84 17.10 17.50
CA SER B 251 18.17 16.54 17.71
C SER B 251 19.10 17.48 18.44
N ILE B 252 18.60 18.67 18.79
CA ILE B 252 19.40 19.66 19.51
C ILE B 252 18.63 20.17 20.72
N ASP B 253 19.33 20.34 21.84
CA ASP B 253 18.69 20.80 23.06
C ASP B 253 18.25 22.26 22.98
N GLU B 254 16.98 22.47 22.68
CA GLU B 254 16.41 23.80 22.53
C GLU B 254 16.43 24.72 23.75
N GLN B 255 16.86 24.22 24.91
CA GLN B 255 16.93 25.07 26.09
C GLN B 255 18.36 25.50 26.31
N HIS B 256 19.20 25.33 25.27
CA HIS B 256 20.60 25.70 25.34
C HIS B 256 20.71 27.19 25.04
N PRO B 257 21.57 27.89 25.79
CA PRO B 257 21.83 29.33 25.67
C PRO B 257 22.19 29.85 24.28
N ARG B 258 22.72 28.99 23.41
CA ARG B 258 23.10 29.44 22.08
C ARG B 258 22.20 28.91 20.96
N TYR B 259 20.95 28.52 21.30
CA TYR B 259 20.03 28.01 20.30
C TYR B 259 19.28 29.14 19.61
N GLY B 260 19.45 29.22 18.29
CA GLY B 260 18.82 30.28 17.52
C GLY B 260 17.41 29.99 17.06
N GLY B 261 17.14 28.73 16.74
CA GLY B 261 15.81 28.38 16.29
C GLY B 261 15.77 27.42 15.13
N VAL B 262 14.66 27.47 14.39
CA VAL B 262 14.43 26.63 13.23
C VAL B 262 14.57 27.39 11.93
N TYR B 263 15.59 27.04 11.15
CA TYR B 263 15.87 27.68 9.87
C TYR B 263 15.14 26.97 8.75
N VAL B 264 14.10 27.62 8.21
CA VAL B 264 13.32 27.06 7.13
C VAL B 264 13.37 28.02 5.95
N GLY B 265 14.52 28.67 5.78
CA GLY B 265 14.68 29.62 4.68
C GLY B 265 13.84 30.88 4.77
N THR B 266 12.95 31.05 3.80
CA THR B 266 12.08 32.22 3.74
C THR B 266 10.94 32.13 4.72
N LEU B 267 10.73 30.95 5.29
CA LEU B 267 9.66 30.76 6.26
C LEU B 267 10.20 30.97 7.66
N SER B 268 11.49 31.29 7.73
CA SER B 268 12.16 31.53 9.01
C SER B 268 11.71 32.85 9.62
N LYS B 269 12.09 33.06 10.88
CA LYS B 269 11.78 34.30 11.57
C LYS B 269 12.79 35.29 11.03
N PRO B 270 12.35 36.51 10.67
CA PRO B 270 13.28 37.51 10.13
C PRO B 270 14.61 37.56 10.86
N GLU B 271 14.57 37.51 12.19
CA GLU B 271 15.80 37.53 12.96
C GLU B 271 16.58 36.25 12.69
N VAL B 272 15.89 35.12 12.71
CA VAL B 272 16.52 33.83 12.46
C VAL B 272 17.11 33.79 11.05
N LYS B 273 16.32 34.25 10.09
CA LYS B 273 16.76 34.26 8.71
C LYS B 273 17.98 35.14 8.57
N GLU B 274 17.94 36.32 9.19
CA GLU B 274 19.04 37.26 9.12
C GLU B 274 20.34 36.68 9.67
N ALA B 275 20.23 35.94 10.76
CA ALA B 275 21.41 35.35 11.38
C ALA B 275 22.13 34.34 10.49
N VAL B 276 21.43 33.27 10.14
CA VAL B 276 22.00 32.22 9.30
C VAL B 276 22.61 32.74 7.99
N GLU B 277 21.85 33.56 7.28
CA GLU B 277 22.30 34.09 5.99
C GLU B 277 23.46 35.07 6.11
N SER B 278 23.57 35.71 7.27
CA SER B 278 24.62 36.67 7.52
C SER B 278 25.92 36.01 7.95
N ALA B 279 25.88 34.70 8.17
CA ALA B 279 27.07 33.98 8.58
C ALA B 279 28.02 33.87 7.40
N ASP B 280 29.32 33.82 7.68
CA ASP B 280 30.32 33.72 6.62
C ASP B 280 30.89 32.30 6.57
N LEU B 281 30.37 31.45 7.45
CA LEU B 281 30.78 30.06 7.54
C LEU B 281 29.61 29.28 8.11
N ILE B 282 29.35 28.10 7.54
CA ILE B 282 28.27 27.25 8.02
C ILE B 282 28.74 25.81 8.23
N LEU B 283 28.57 25.31 9.44
CA LEU B 283 28.96 23.94 9.76
C LEU B 283 27.70 23.08 9.90
N SER B 284 27.23 22.58 8.77
CA SER B 284 26.03 21.75 8.72
C SER B 284 26.31 20.31 9.09
N VAL B 285 25.84 19.90 10.26
CA VAL B 285 26.04 18.52 10.72
C VAL B 285 24.84 17.68 10.30
N GLY B 286 25.11 16.47 9.81
CA GLY B 286 24.05 15.57 9.37
C GLY B 286 23.39 15.94 8.05
N ALA B 287 24.09 16.76 7.27
CA ALA B 287 23.60 17.25 5.98
C ALA B 287 22.86 16.20 5.14
N LEU B 288 21.81 16.67 4.46
CA LEU B 288 20.98 15.82 3.61
C LEU B 288 19.98 16.66 2.79
N LEU B 289 19.64 17.86 3.29
CA LEU B 289 18.69 18.74 2.61
C LEU B 289 19.42 19.82 1.79
N SER B 290 19.91 20.83 2.49
CA SER B 290 20.65 21.92 1.87
C SER B 290 19.87 22.84 0.93
N ASP B 291 19.17 22.26 -0.05
CA ASP B 291 18.43 23.08 -1.01
C ASP B 291 17.00 22.67 -1.32
N PHE B 292 16.10 23.64 -1.25
CA PHE B 292 14.68 23.45 -1.54
C PHE B 292 14.17 24.73 -2.20
N ASN B 293 13.79 24.64 -3.47
CA ASN B 293 13.29 25.80 -4.19
C ASN B 293 11.83 25.66 -4.58
N THR B 294 11.52 24.67 -5.40
CA THR B 294 10.15 24.43 -5.83
C THR B 294 9.41 23.59 -4.79
N GLY B 295 8.98 24.24 -3.73
CA GLY B 295 8.26 23.55 -2.67
C GLY B 295 8.75 23.95 -1.29
N SER B 296 7.92 23.71 -0.28
CA SER B 296 8.25 24.04 1.10
C SER B 296 8.72 25.48 1.27
N PHE B 297 10.00 25.72 1.00
CA PHE B 297 10.58 27.06 1.13
C PHE B 297 11.64 27.31 0.06
N SER B 298 12.39 28.39 0.21
CA SER B 298 13.43 28.75 -0.75
C SER B 298 14.84 28.48 -0.20
N TYR B 299 14.91 27.72 0.88
CA TYR B 299 16.18 27.37 1.50
C TYR B 299 17.08 26.66 0.49
N SER B 300 17.92 27.42 -0.20
CA SER B 300 18.81 26.84 -1.21
C SER B 300 20.06 27.68 -1.47
N TYR B 301 19.89 29.00 -1.54
CA TYR B 301 20.98 29.93 -1.82
C TYR B 301 22.03 29.39 -2.79
N LYS B 302 23.28 29.81 -2.63
CA LYS B 302 24.35 29.37 -3.51
C LYS B 302 25.47 28.63 -2.79
N THR B 303 25.15 28.04 -1.64
CA THR B 303 26.15 27.32 -0.85
C THR B 303 27.39 28.19 -0.68
N LYS B 304 27.27 29.20 0.18
CA LYS B 304 28.37 30.13 0.43
C LYS B 304 29.36 29.63 1.47
N ASN B 305 30.41 28.96 1.01
CA ASN B 305 31.46 28.43 1.89
C ASN B 305 30.88 27.65 3.08
N ILE B 306 30.50 26.40 2.84
CA ILE B 306 29.92 25.57 3.88
C ILE B 306 30.58 24.20 3.99
N VAL B 307 30.56 23.65 5.20
CA VAL B 307 31.15 22.34 5.44
C VAL B 307 30.00 21.40 5.79
N GLU B 308 29.88 20.31 5.04
CA GLU B 308 28.81 19.34 5.25
C GLU B 308 29.30 18.00 5.76
N PHE B 309 29.01 17.71 7.03
CA PHE B 309 29.41 16.44 7.61
C PHE B 309 28.31 15.40 7.36
N HIS B 310 28.65 14.36 6.61
CA HIS B 310 27.68 13.30 6.34
C HIS B 310 28.20 12.04 7.01
N SER B 311 27.35 11.03 7.08
CA SER B 311 27.68 9.74 7.70
C SER B 311 28.86 9.03 7.03
N ASP B 312 29.03 9.21 5.73
CA ASP B 312 30.11 8.55 5.00
C ASP B 312 31.07 9.46 4.21
N HIS B 313 30.70 10.72 4.02
CA HIS B 313 31.58 11.62 3.26
C HIS B 313 31.61 13.06 3.75
N MET B 314 32.61 13.80 3.26
CA MET B 314 32.81 15.20 3.58
C MET B 314 32.59 16.09 2.39
N LYS B 315 32.07 17.29 2.64
CA LYS B 315 31.81 18.23 1.57
C LYS B 315 32.19 19.63 2.00
N ILE B 316 33.34 20.09 1.53
CA ILE B 316 33.83 21.42 1.83
C ILE B 316 33.83 22.19 0.51
N ARG B 317 32.83 23.06 0.36
CA ARG B 317 32.66 23.84 -0.86
C ARG B 317 32.18 22.90 -1.94
N ASN B 318 32.99 22.68 -2.97
CA ASN B 318 32.59 21.77 -4.02
C ASN B 318 33.37 20.47 -3.92
N ALA B 319 34.54 20.53 -3.29
CA ALA B 319 35.38 19.36 -3.11
C ALA B 319 34.66 18.33 -2.23
N THR B 320 34.80 17.06 -2.58
CA THR B 320 34.17 15.99 -1.82
C THR B 320 35.22 14.98 -1.37
N PHE B 321 35.09 14.51 -0.14
CA PHE B 321 36.02 13.52 0.40
C PHE B 321 35.26 12.24 0.74
N PRO B 322 35.25 11.29 -0.20
CA PRO B 322 34.56 10.01 -0.01
C PRO B 322 35.17 9.18 1.11
N GLY B 323 34.33 8.43 1.83
CA GLY B 323 34.83 7.60 2.91
C GLY B 323 35.04 8.28 4.24
N VAL B 324 35.36 9.56 4.23
CA VAL B 324 35.60 10.30 5.46
C VAL B 324 34.27 10.46 6.23
N GLN B 325 34.11 9.66 7.27
CA GLN B 325 32.91 9.64 8.09
C GLN B 325 32.85 10.72 9.18
N MET B 326 31.79 11.52 9.14
CA MET B 326 31.57 12.63 10.07
C MET B 326 31.85 12.36 11.55
N LYS B 327 31.62 11.13 12.00
CA LYS B 327 31.85 10.82 13.41
C LYS B 327 33.31 11.02 13.79
N PHE B 328 34.14 10.06 13.42
CA PHE B 328 35.55 10.12 13.74
C PHE B 328 36.19 11.44 13.31
N VAL B 329 35.60 12.11 12.32
CA VAL B 329 36.12 13.39 11.86
C VAL B 329 35.81 14.41 12.93
N LEU B 330 34.52 14.57 13.20
CA LEU B 330 34.02 15.48 14.21
C LEU B 330 34.89 15.34 15.47
N GLN B 331 35.27 14.11 15.79
CA GLN B 331 36.10 13.86 16.96
C GLN B 331 37.46 14.50 16.80
N LYS B 332 38.17 14.12 15.75
CA LYS B 332 39.51 14.64 15.49
C LYS B 332 39.46 16.15 15.31
N LEU B 333 38.33 16.65 14.85
CA LEU B 333 38.15 18.07 14.62
C LEU B 333 37.82 18.77 15.93
N LEU B 334 37.39 18.01 16.93
CA LEU B 334 37.05 18.57 18.21
C LEU B 334 38.28 18.89 19.07
N THR B 335 39.31 18.05 18.99
CA THR B 335 40.51 18.27 19.78
C THR B 335 41.21 19.56 19.42
N ALA B 336 41.31 19.83 18.11
CA ALA B 336 42.01 21.01 17.63
C ALA B 336 41.17 22.29 17.55
N ILE B 337 39.86 22.15 17.74
CA ILE B 337 38.99 23.30 17.66
C ILE B 337 39.18 24.25 18.84
N ALA B 338 39.70 23.71 19.94
CA ALA B 338 39.93 24.48 21.16
C ALA B 338 40.73 25.77 21.01
N ASP B 339 41.97 25.67 20.54
CA ASP B 339 42.81 26.85 20.38
C ASP B 339 42.26 27.89 19.40
N ALA B 340 41.94 27.46 18.18
CA ALA B 340 41.43 28.38 17.17
C ALA B 340 40.18 29.16 17.57
N ALA B 341 39.48 28.69 18.60
CA ALA B 341 38.25 29.36 19.05
C ALA B 341 38.44 30.19 20.31
N LYS B 342 39.59 30.01 20.94
CA LYS B 342 39.94 30.71 22.19
C LYS B 342 39.44 32.15 22.35
N GLY B 343 39.76 33.03 21.40
CA GLY B 343 39.32 34.40 21.52
C GLY B 343 38.09 34.75 20.72
N TYR B 344 37.08 33.87 20.75
CA TYR B 344 35.83 34.11 20.02
C TYR B 344 34.86 35.01 20.79
N LYS B 345 34.24 35.93 20.06
CA LYS B 345 33.28 36.87 20.64
C LYS B 345 31.85 36.45 20.31
N PRO B 346 31.18 35.78 21.26
CA PRO B 346 29.80 35.30 21.13
C PRO B 346 28.84 36.25 20.39
N VAL B 347 28.33 35.80 19.25
CA VAL B 347 27.40 36.60 18.47
C VAL B 347 25.98 36.39 18.96
N ALA B 348 25.33 37.49 19.37
CA ALA B 348 23.96 37.47 19.89
C ALA B 348 23.03 36.53 19.11
N VAL B 349 22.22 35.76 19.84
CA VAL B 349 21.29 34.80 19.24
C VAL B 349 19.82 35.21 19.37
N PRO B 350 19.02 35.01 18.31
CA PRO B 350 17.60 35.35 18.30
C PRO B 350 16.84 34.84 19.53
N ALA B 351 16.08 35.73 20.16
CA ALA B 351 15.33 35.38 21.37
C ALA B 351 14.19 34.40 21.11
N ARG B 352 13.61 33.90 22.19
CA ARG B 352 12.50 32.95 22.11
C ARG B 352 11.22 33.69 21.80
N THR B 353 10.25 32.98 21.23
CA THR B 353 8.98 33.59 20.92
C THR B 353 8.25 33.68 22.25
N PRO B 354 7.66 34.83 22.55
CA PRO B 354 6.92 35.02 23.80
C PRO B 354 5.67 34.15 23.89
N ALA B 355 5.45 33.53 25.04
CA ALA B 355 4.28 32.68 25.23
C ALA B 355 3.03 33.54 25.01
N ASN B 356 1.91 32.89 24.70
CA ASN B 356 0.67 33.63 24.49
C ASN B 356 0.21 34.26 25.81
N ALA B 357 -0.28 35.49 25.73
CA ALA B 357 -0.76 36.21 26.92
C ALA B 357 -2.25 35.97 27.13
N ALA B 358 -2.62 35.59 28.34
CA ALA B 358 -4.00 35.28 28.74
C ALA B 358 -5.11 35.78 27.81
N VAL B 359 -6.07 34.90 27.55
CA VAL B 359 -7.23 35.18 26.69
C VAL B 359 -8.44 34.44 27.26
N PRO B 360 -9.62 35.08 27.27
CA PRO B 360 -10.82 34.40 27.81
C PRO B 360 -10.98 32.93 27.40
N ALA B 361 -11.43 32.12 28.35
CA ALA B 361 -11.60 30.69 28.16
C ALA B 361 -12.56 30.26 27.05
N SER B 362 -13.27 31.19 26.44
CA SER B 362 -14.21 30.85 25.40
C SER B 362 -13.71 31.12 23.98
N THR B 363 -12.56 31.77 23.86
CA THR B 363 -12.01 32.05 22.53
C THR B 363 -11.82 30.72 21.81
N PRO B 364 -12.27 30.63 20.55
CA PRO B 364 -12.13 29.39 19.78
C PRO B 364 -10.69 29.07 19.44
N LEU B 365 -10.36 27.78 19.36
CA LEU B 365 -9.00 27.38 19.07
C LEU B 365 -8.49 27.78 17.68
N LYS B 366 -7.23 28.18 17.65
CA LYS B 366 -6.55 28.60 16.44
C LYS B 366 -5.21 27.88 16.42
N GLN B 367 -4.75 27.48 15.24
CA GLN B 367 -3.48 26.77 15.14
C GLN B 367 -2.26 27.53 15.66
N GLU B 368 -2.08 28.76 15.23
CA GLU B 368 -0.94 29.57 15.66
C GLU B 368 -0.90 29.61 17.20
N TRP B 369 -2.06 29.84 17.81
CA TRP B 369 -2.13 29.89 19.25
C TRP B 369 -1.74 28.55 19.87
N MET B 370 -2.24 27.46 19.28
CA MET B 370 -1.98 26.11 19.77
C MET B 370 -0.54 25.62 19.65
N TRP B 371 0.08 25.81 18.48
CA TRP B 371 1.46 25.38 18.29
C TRP B 371 2.40 26.10 19.24
N ASN B 372 2.00 27.29 19.66
CA ASN B 372 2.81 28.07 20.59
C ASN B 372 2.45 27.68 22.03
N GLN B 373 1.23 27.20 22.23
CA GLN B 373 0.75 26.81 23.55
C GLN B 373 1.22 25.41 23.92
N LEU B 374 1.41 24.57 22.91
CA LEU B 374 1.85 23.19 23.11
C LEU B 374 3.11 23.08 23.96
N GLY B 375 4.03 24.03 23.80
CA GLY B 375 5.27 24.01 24.56
C GLY B 375 5.10 23.83 26.05
N ASN B 376 3.93 24.18 26.58
CA ASN B 376 3.69 24.08 28.01
C ASN B 376 3.27 22.70 28.47
N PHE B 377 2.72 21.93 27.55
CA PHE B 377 2.25 20.58 27.84
C PHE B 377 3.38 19.56 27.76
N LEU B 378 4.22 19.71 26.74
CA LEU B 378 5.34 18.81 26.54
C LEU B 378 6.17 18.76 27.80
N GLN B 379 6.88 17.65 27.97
CA GLN B 379 7.75 17.50 29.12
C GLN B 379 8.99 16.76 28.63
N GLU B 380 10.09 16.92 29.35
CA GLU B 380 11.32 16.26 28.95
C GLU B 380 11.14 14.77 28.72
N GLY B 381 11.61 14.29 27.57
CA GLY B 381 11.53 12.87 27.26
C GLY B 381 10.45 12.46 26.27
N ASP B 382 9.49 13.35 26.03
CA ASP B 382 8.40 13.04 25.10
C ASP B 382 8.86 12.91 23.65
N VAL B 383 8.29 11.93 22.96
CA VAL B 383 8.58 11.68 21.55
C VAL B 383 7.41 12.30 20.82
N VAL B 384 7.64 13.37 20.06
CA VAL B 384 6.53 14.00 19.35
C VAL B 384 6.56 13.68 17.86
N ILE B 385 5.38 13.41 17.32
CA ILE B 385 5.20 13.02 15.93
C ILE B 385 4.17 13.92 15.27
N ALA B 386 4.53 14.49 14.12
CA ALA B 386 3.63 15.38 13.40
C ALA B 386 3.52 15.01 11.90
N GLU B 387 2.28 14.83 11.44
CA GLU B 387 1.96 14.43 10.06
C GLU B 387 2.09 15.51 8.99
N THR B 388 2.35 15.09 7.75
CA THR B 388 2.46 16.03 6.64
C THR B 388 1.17 16.82 6.56
N GLY B 389 1.31 18.11 6.28
CA GLY B 389 0.16 19.01 6.22
C GLY B 389 0.39 20.07 7.29
N THR B 390 -0.66 20.81 7.63
CA THR B 390 -0.54 21.84 8.66
C THR B 390 0.30 21.37 9.85
N SER B 391 0.01 20.19 10.39
CA SER B 391 0.77 19.69 11.54
C SER B 391 2.28 19.77 11.32
N ALA B 392 2.76 19.13 10.28
CA ALA B 392 4.19 19.14 9.95
C ALA B 392 4.77 20.54 10.15
N PHE B 393 4.12 21.53 9.53
CA PHE B 393 4.52 22.93 9.61
C PHE B 393 4.38 23.47 11.03
N GLY B 394 3.23 23.21 11.64
CA GLY B 394 2.99 23.69 12.99
C GLY B 394 4.04 23.35 14.03
N ILE B 395 4.49 22.10 14.05
CA ILE B 395 5.49 21.68 15.04
C ILE B 395 6.81 22.44 15.00
N ASN B 396 7.12 23.07 13.87
CA ASN B 396 8.38 23.85 13.74
C ASN B 396 8.35 25.13 14.58
N GLN B 397 7.18 25.48 15.11
CA GLN B 397 7.04 26.69 15.90
C GLN B 397 6.79 26.44 17.39
N THR B 398 7.19 25.27 17.87
CA THR B 398 7.03 24.95 19.28
C THR B 398 8.41 24.83 19.92
N THR B 399 8.57 25.40 21.12
CA THR B 399 9.85 25.31 21.80
C THR B 399 9.88 23.99 22.55
N PHE B 400 10.83 23.13 22.16
CA PHE B 400 10.94 21.81 22.76
C PHE B 400 11.58 21.77 24.12
N PRO B 401 10.88 21.20 25.11
CA PRO B 401 11.50 21.13 26.42
C PRO B 401 12.80 20.40 26.19
N ASN B 402 13.75 20.53 27.10
CA ASN B 402 15.03 19.87 26.93
C ASN B 402 14.87 18.36 26.68
N ASN B 403 15.61 17.83 25.71
CA ASN B 403 15.63 16.40 25.40
C ASN B 403 14.28 15.81 24.93
N THR B 404 13.96 16.10 23.68
CA THR B 404 12.72 15.62 23.07
C THR B 404 12.90 15.15 21.63
N TYR B 405 12.41 13.94 21.30
CA TYR B 405 12.63 13.46 19.95
C TYR B 405 11.41 13.75 19.08
N GLY B 406 11.65 14.42 17.95
CA GLY B 406 10.58 14.69 16.98
C GLY B 406 10.61 13.78 15.70
N ILE B 407 9.45 13.46 15.15
CA ILE B 407 9.39 12.62 13.94
C ILE B 407 8.51 13.32 12.92
N SER B 408 9.14 13.77 11.85
CA SER B 408 8.44 14.44 10.77
C SER B 408 9.09 14.01 9.48
N GLN B 409 8.31 13.31 8.67
CA GLN B 409 8.77 12.80 7.38
C GLN B 409 8.78 13.96 6.38
N VAL B 410 9.74 14.87 6.57
CA VAL B 410 9.85 16.06 5.75
C VAL B 410 10.21 15.88 4.28
N LEU B 411 11.16 15.00 3.99
CA LEU B 411 11.59 14.79 2.62
C LEU B 411 10.66 13.89 1.78
N TRP B 412 10.28 12.73 2.32
CA TRP B 412 9.39 11.82 1.59
C TRP B 412 7.94 12.31 1.66
N GLY B 413 7.53 12.77 2.84
CA GLY B 413 6.20 13.31 3.03
C GLY B 413 5.01 12.51 2.55
N SER B 414 4.84 11.31 3.09
CA SER B 414 3.71 10.48 2.70
C SER B 414 2.70 10.44 3.82
N ILE B 415 1.54 11.07 3.61
CA ILE B 415 0.51 11.09 4.64
C ILE B 415 0.14 9.67 5.02
N GLY B 416 -0.37 9.50 6.23
CA GLY B 416 -0.73 8.19 6.72
C GLY B 416 0.38 7.63 7.57
N PHE B 417 1.60 7.79 7.07
CA PHE B 417 2.83 7.36 7.71
C PHE B 417 2.92 7.52 9.24
N THR B 418 2.36 8.60 9.78
CA THR B 418 2.42 8.85 11.23
C THR B 418 1.63 7.86 12.08
N THR B 419 0.46 7.45 11.59
CA THR B 419 -0.36 6.48 12.34
C THR B 419 0.48 5.25 12.62
N GLY B 420 1.10 4.71 11.57
CA GLY B 420 1.94 3.55 11.71
C GLY B 420 3.09 3.83 12.65
N ALA B 421 3.80 4.91 12.40
CA ALA B 421 4.91 5.31 13.24
C ALA B 421 4.54 5.40 14.73
N THR B 422 3.36 5.92 15.08
CA THR B 422 2.99 6.01 16.50
C THR B 422 3.06 4.65 17.16
N LEU B 423 2.61 3.63 16.45
CA LEU B 423 2.62 2.25 16.94
C LEU B 423 4.06 1.79 17.10
N GLY B 424 4.86 1.97 16.04
CA GLY B 424 6.25 1.56 16.10
C GLY B 424 7.06 2.31 17.14
N ALA B 425 6.83 3.62 17.21
CA ALA B 425 7.49 4.49 18.16
C ALA B 425 7.01 4.19 19.59
N ALA B 426 5.69 4.27 19.82
CA ALA B 426 5.14 4.01 21.15
C ALA B 426 5.60 2.63 21.61
N PHE B 427 5.78 1.73 20.63
CA PHE B 427 6.24 0.37 20.90
C PHE B 427 7.64 0.43 21.52
N ALA B 428 8.60 0.89 20.72
CA ALA B 428 9.97 0.99 21.18
C ALA B 428 10.01 1.72 22.53
N ALA B 429 9.31 2.85 22.59
CA ALA B 429 9.25 3.66 23.81
C ALA B 429 8.88 2.82 25.03
N GLU B 430 7.89 1.93 24.87
CA GLU B 430 7.48 1.10 25.97
C GLU B 430 8.63 0.21 26.37
N GLU B 431 9.46 -0.13 25.39
CA GLU B 431 10.59 -0.99 25.63
C GLU B 431 11.78 -0.34 26.35
N ILE B 432 12.02 0.93 26.08
CA ILE B 432 13.13 1.61 26.73
C ILE B 432 12.76 2.19 28.09
N ASP B 433 11.65 2.91 28.16
CA ASP B 433 11.18 3.51 29.41
C ASP B 433 9.66 3.57 29.36
N PRO B 434 8.97 2.72 30.14
CA PRO B 434 7.51 2.73 30.14
C PRO B 434 6.83 4.06 30.48
N LYS B 435 7.59 5.00 31.05
CA LYS B 435 7.01 6.29 31.40
C LYS B 435 7.24 7.39 30.36
N LYS B 436 7.82 7.00 29.23
CA LYS B 436 8.07 7.92 28.13
C LYS B 436 6.76 8.08 27.38
N ARG B 437 6.36 9.32 27.15
CA ARG B 437 5.11 9.61 26.44
C ARG B 437 5.34 9.81 24.95
N VAL B 438 4.31 9.53 24.16
CA VAL B 438 4.41 9.69 22.71
C VAL B 438 3.18 10.46 22.22
N ILE B 439 3.39 11.72 21.83
CA ILE B 439 2.28 12.53 21.38
C ILE B 439 2.22 12.58 19.85
N LEU B 440 1.03 12.46 19.29
CA LEU B 440 0.89 12.51 17.85
C LEU B 440 -0.13 13.54 17.41
N PHE B 441 0.28 14.38 16.46
CA PHE B 441 -0.60 15.39 15.89
C PHE B 441 -0.87 15.02 14.43
N ILE B 442 -2.11 14.68 14.14
CA ILE B 442 -2.46 14.29 12.78
C ILE B 442 -3.77 14.90 12.32
N GLY B 443 -3.79 15.34 11.05
CA GLY B 443 -4.99 15.95 10.51
C GLY B 443 -6.05 14.92 10.14
N ASP B 444 -7.29 15.37 10.06
CA ASP B 444 -8.43 14.53 9.72
C ASP B 444 -8.26 13.82 8.39
N GLY B 445 -7.74 14.51 7.40
CA GLY B 445 -7.56 13.91 6.09
C GLY B 445 -6.67 12.68 6.03
N SER B 446 -5.55 12.72 6.74
CA SER B 446 -4.57 11.63 6.77
C SER B 446 -4.92 10.40 7.62
N LEU B 447 -5.69 10.59 8.68
CA LEU B 447 -6.07 9.47 9.56
C LEU B 447 -6.72 8.36 8.73
N GLN B 448 -7.55 8.76 7.76
CA GLN B 448 -8.26 7.80 6.93
C GLN B 448 -7.37 6.81 6.17
N LEU B 449 -6.21 7.27 5.68
CA LEU B 449 -5.33 6.39 4.93
C LEU B 449 -4.74 5.20 5.69
N THR B 450 -4.44 5.39 6.97
CA THR B 450 -3.86 4.31 7.73
C THR B 450 -4.57 4.09 9.07
N VAL B 451 -5.83 4.51 9.14
CA VAL B 451 -6.61 4.42 10.36
C VAL B 451 -6.67 3.10 11.17
N GLN B 452 -6.87 1.97 10.51
CA GLN B 452 -6.96 0.69 11.23
C GLN B 452 -5.78 0.33 12.11
N GLU B 453 -4.65 1.01 11.95
CA GLU B 453 -3.47 0.68 12.75
C GLU B 453 -3.64 1.01 14.25
N ILE B 454 -4.70 1.75 14.57
CA ILE B 454 -4.99 2.07 15.96
C ILE B 454 -5.42 0.76 16.65
N SER B 455 -5.88 -0.20 15.86
CA SER B 455 -6.29 -1.49 16.38
C SER B 455 -5.11 -2.17 17.02
N THR B 456 -3.97 -2.12 16.33
CA THR B 456 -2.75 -2.76 16.82
C THR B 456 -2.25 -2.07 18.11
N MET B 457 -2.61 -0.79 18.28
CA MET B 457 -2.23 -0.05 19.48
C MET B 457 -3.03 -0.60 20.68
N ILE B 458 -4.32 -0.81 20.46
CA ILE B 458 -5.23 -1.31 21.48
C ILE B 458 -4.91 -2.73 21.92
N ARG B 459 -4.57 -3.59 20.97
CA ARG B 459 -4.30 -4.98 21.32
C ARG B 459 -3.07 -5.16 22.18
N TRP B 460 -2.14 -4.22 22.12
CA TRP B 460 -0.94 -4.34 22.93
C TRP B 460 -1.00 -3.49 24.19
N GLY B 461 -2.14 -2.84 24.39
CA GLY B 461 -2.31 -2.01 25.57
C GLY B 461 -1.37 -0.83 25.67
N LEU B 462 -1.04 -0.23 24.53
CA LEU B 462 -0.14 0.92 24.52
C LEU B 462 -0.95 2.11 25.00
N LYS B 463 -0.30 3.20 25.41
CA LYS B 463 -1.02 4.37 25.92
C LYS B 463 -0.60 5.70 25.31
N PRO B 464 -0.58 5.79 23.96
CA PRO B 464 -0.19 7.03 23.27
C PRO B 464 -1.27 8.10 23.28
N TYR B 465 -0.88 9.35 23.00
CA TYR B 465 -1.82 10.47 22.95
C TYR B 465 -2.05 10.83 21.49
N LEU B 466 -3.27 10.65 20.99
CA LEU B 466 -3.55 10.98 19.59
C LEU B 466 -4.33 12.27 19.44
N PHE B 467 -3.68 13.32 18.96
CA PHE B 467 -4.41 14.56 18.74
C PHE B 467 -4.83 14.61 17.28
N VAL B 468 -6.13 14.68 17.05
CA VAL B 468 -6.70 14.73 15.70
C VAL B 468 -7.13 16.15 15.38
N LEU B 469 -6.61 16.70 14.29
CA LEU B 469 -6.97 18.06 13.90
C LEU B 469 -8.10 18.08 12.86
N ASN B 470 -9.31 18.39 13.32
CA ASN B 470 -10.47 18.42 12.46
C ASN B 470 -10.77 19.81 11.86
N ASN B 471 -10.21 20.08 10.68
CA ASN B 471 -10.47 21.35 10.03
C ASN B 471 -11.29 21.06 8.78
N ASP B 472 -11.99 19.92 8.84
CA ASP B 472 -12.87 19.46 7.78
C ASP B 472 -12.32 19.47 6.34
N GLY B 473 -11.25 18.71 6.09
CA GLY B 473 -10.72 18.67 4.73
C GLY B 473 -9.21 18.60 4.59
N TYR B 474 -8.70 18.88 3.39
CA TYR B 474 -7.25 18.87 3.16
C TYR B 474 -6.83 20.33 3.08
N THR B 475 -6.89 21.00 4.23
CA THR B 475 -6.57 22.41 4.28
C THR B 475 -5.30 22.72 3.53
N ILE B 476 -4.19 22.15 3.99
CA ILE B 476 -2.88 22.36 3.36
C ILE B 476 -2.97 22.38 1.83
N GLU B 477 -3.86 21.57 1.26
CA GLU B 477 -4.04 21.50 -0.20
C GLU B 477 -4.78 22.74 -0.70
N LYS B 478 -5.95 22.97 -0.12
CA LYS B 478 -6.78 24.10 -0.47
C LYS B 478 -5.94 25.37 -0.53
N LEU B 479 -4.98 25.49 0.39
CA LEU B 479 -4.13 26.65 0.44
C LEU B 479 -3.19 26.79 -0.75
N ILE B 480 -2.72 25.68 -1.32
CA ILE B 480 -1.84 25.82 -2.46
C ILE B 480 -2.62 25.76 -3.74
N HIS B 481 -3.77 25.09 -3.71
CA HIS B 481 -4.60 25.00 -4.92
C HIS B 481 -5.96 24.34 -4.70
N GLY B 482 -6.98 24.94 -5.30
CA GLY B 482 -8.33 24.43 -5.17
C GLY B 482 -8.87 24.61 -3.76
N PRO B 483 -9.16 25.85 -3.35
CA PRO B 483 -9.67 26.07 -2.00
C PRO B 483 -10.96 25.33 -1.73
N LYS B 484 -11.85 25.29 -2.71
CA LYS B 484 -13.14 24.62 -2.58
C LYS B 484 -13.24 23.37 -3.42
N ALA B 485 -12.08 22.89 -3.89
CA ALA B 485 -12.04 21.70 -4.72
C ALA B 485 -12.62 20.51 -3.99
N GLN B 486 -13.47 19.78 -4.69
CA GLN B 486 -14.12 18.60 -4.13
C GLN B 486 -13.12 17.48 -3.79
N TYR B 487 -12.04 17.39 -4.57
CA TYR B 487 -11.06 16.35 -4.31
C TYR B 487 -10.30 16.67 -3.03
N ASN B 488 -10.53 17.88 -2.51
CA ASN B 488 -9.87 18.27 -1.27
C ASN B 488 -10.75 18.11 -0.03
N GLU B 489 -11.99 17.65 -0.21
CA GLU B 489 -12.90 17.46 0.92
C GLU B 489 -12.94 15.97 1.27
N ILE B 490 -13.44 15.64 2.47
CA ILE B 490 -13.48 14.24 2.87
C ILE B 490 -14.84 13.81 3.40
N GLN B 491 -14.96 12.54 3.75
CA GLN B 491 -16.21 12.02 4.29
C GLN B 491 -16.14 12.25 5.80
N GLY B 492 -17.22 12.71 6.41
CA GLY B 492 -17.18 12.94 7.85
C GLY B 492 -17.13 11.67 8.67
N TRP B 493 -16.28 11.63 9.69
CA TRP B 493 -16.17 10.44 10.55
C TRP B 493 -16.38 10.74 12.04
N ASP B 494 -16.94 9.79 12.77
CA ASP B 494 -17.18 9.93 14.21
C ASP B 494 -15.83 9.58 14.84
N HIS B 495 -14.85 10.46 14.66
CA HIS B 495 -13.51 10.24 15.18
C HIS B 495 -13.35 9.62 16.55
N LEU B 496 -13.95 10.21 17.57
CA LEU B 496 -13.78 9.68 18.91
C LEU B 496 -14.11 8.20 19.06
N SER B 497 -15.33 7.83 18.71
CA SER B 497 -15.81 6.44 18.80
C SER B 497 -14.90 5.42 18.12
N LEU B 498 -13.88 5.91 17.41
CA LEU B 498 -12.94 5.04 16.74
C LEU B 498 -12.32 4.06 17.72
N LEU B 499 -11.87 4.56 18.86
CA LEU B 499 -11.25 3.68 19.85
C LEU B 499 -12.16 2.49 20.17
N PRO B 500 -13.29 2.73 20.85
CA PRO B 500 -14.16 1.60 21.17
C PRO B 500 -14.56 0.72 19.98
N THR B 501 -14.66 1.29 18.78
CA THR B 501 -15.03 0.50 17.61
C THR B 501 -13.99 -0.59 17.40
N PHE B 502 -12.71 -0.28 17.64
CA PHE B 502 -11.65 -1.26 17.45
C PHE B 502 -11.40 -2.13 18.67
N GLY B 503 -12.27 -1.99 19.67
CA GLY B 503 -12.15 -2.79 20.87
C GLY B 503 -11.52 -2.15 22.09
N ALA B 504 -11.23 -0.86 22.03
CA ALA B 504 -10.62 -0.18 23.17
C ALA B 504 -11.48 -0.27 24.43
N LYS B 505 -11.05 -1.04 25.42
CA LYS B 505 -11.85 -1.13 26.63
C LYS B 505 -11.46 -0.09 27.68
N ASP B 506 -10.18 0.27 27.76
CA ASP B 506 -9.72 1.25 28.73
C ASP B 506 -9.19 2.51 28.04
N TYR B 507 -10.09 3.39 27.61
CA TYR B 507 -9.67 4.61 26.89
C TYR B 507 -10.35 5.89 27.39
N GLU B 508 -10.03 7.00 26.72
CA GLU B 508 -10.56 8.33 27.02
C GLU B 508 -10.64 9.13 25.73
N THR B 509 -11.77 9.81 25.49
CA THR B 509 -11.90 10.64 24.30
C THR B 509 -12.29 12.05 24.74
N HIS B 510 -11.68 13.06 24.13
CA HIS B 510 -11.95 14.44 24.46
C HIS B 510 -12.12 15.29 23.20
N ARG B 511 -12.83 16.42 23.32
CA ARG B 511 -13.01 17.34 22.21
C ARG B 511 -12.78 18.76 22.71
N VAL B 512 -11.68 19.36 22.24
CA VAL B 512 -11.29 20.71 22.61
C VAL B 512 -11.72 21.70 21.52
N ALA B 513 -12.48 22.72 21.90
CA ALA B 513 -12.97 23.72 20.96
C ALA B 513 -12.56 25.15 21.32
N THR B 514 -12.40 25.44 22.60
CA THR B 514 -12.00 26.77 23.01
C THR B 514 -10.78 26.73 23.90
N THR B 515 -9.91 27.72 23.71
CA THR B 515 -8.69 27.87 24.50
C THR B 515 -8.89 27.35 25.92
N GLY B 516 -9.97 27.81 26.55
CA GLY B 516 -10.26 27.39 27.92
C GLY B 516 -10.20 25.89 28.03
N GLU B 517 -11.03 25.22 27.24
CA GLU B 517 -11.08 23.77 27.25
C GLU B 517 -9.69 23.14 27.11
N TRP B 518 -8.84 23.72 26.27
CA TRP B 518 -7.50 23.19 26.07
C TRP B 518 -6.68 23.23 27.34
N ASP B 519 -6.59 24.41 27.95
CA ASP B 519 -5.82 24.57 29.18
C ASP B 519 -6.26 23.64 30.30
N LYS B 520 -7.57 23.55 30.50
CA LYS B 520 -8.11 22.71 31.55
C LYS B 520 -7.67 21.27 31.38
N LEU B 521 -7.76 20.76 30.15
CA LEU B 521 -7.39 19.38 29.84
C LEU B 521 -5.90 19.13 29.92
N THR B 522 -5.14 19.82 29.07
CA THR B 522 -3.69 19.64 29.05
C THR B 522 -3.05 19.95 30.40
N GLN B 523 -3.76 20.67 31.26
CA GLN B 523 -3.21 21.00 32.58
C GLN B 523 -3.60 19.99 33.66
N ASP B 524 -4.64 19.20 33.41
CA ASP B 524 -5.07 18.20 34.39
C ASP B 524 -3.86 17.36 34.73
N LYS B 525 -3.71 16.96 36.00
CA LYS B 525 -2.57 16.14 36.38
C LYS B 525 -2.74 14.66 36.03
N SER B 526 -3.99 14.23 35.82
CA SER B 526 -4.26 12.83 35.47
C SER B 526 -4.18 12.65 33.96
N PHE B 527 -4.16 13.77 33.24
CA PHE B 527 -4.08 13.76 31.80
C PHE B 527 -2.61 13.75 31.37
N ASN B 528 -1.77 14.47 32.13
CA ASN B 528 -0.34 14.55 31.85
C ASN B 528 0.30 13.17 31.95
N ASP B 529 -0.43 12.24 32.55
CA ASP B 529 0.09 10.89 32.77
C ASP B 529 -0.36 9.86 31.73
N ASN B 530 0.60 9.14 31.16
CA ASN B 530 0.32 8.12 30.15
C ASN B 530 -0.39 6.90 30.73
N SER B 531 -1.56 7.11 31.32
CA SER B 531 -2.34 6.03 31.93
C SER B 531 -3.07 5.14 30.93
N LYS B 532 -3.52 5.72 29.82
CA LYS B 532 -4.27 4.97 28.82
C LYS B 532 -4.35 5.69 27.47
N ILE B 533 -4.71 4.94 26.43
CA ILE B 533 -4.84 5.50 25.09
C ILE B 533 -5.84 6.66 25.16
N ARG B 534 -5.60 7.70 24.39
CA ARG B 534 -6.48 8.85 24.41
C ARG B 534 -6.62 9.56 23.07
N MET B 535 -7.84 9.78 22.63
CA MET B 535 -8.02 10.50 21.38
C MET B 535 -8.57 11.87 21.72
N ILE B 536 -7.83 12.91 21.37
CA ILE B 536 -8.30 14.25 21.64
C ILE B 536 -8.62 14.91 20.30
N GLU B 537 -9.89 15.23 20.08
CA GLU B 537 -10.29 15.87 18.84
C GLU B 537 -10.35 17.41 18.96
N VAL B 538 -9.41 18.07 18.28
CA VAL B 538 -9.33 19.53 18.27
C VAL B 538 -10.14 20.09 17.10
N MET B 539 -11.08 21.00 17.36
CA MET B 539 -11.87 21.57 16.28
C MET B 539 -11.21 22.86 15.82
N LEU B 540 -10.81 22.92 14.57
CA LEU B 540 -10.15 24.11 14.03
C LEU B 540 -10.81 24.54 12.73
N PRO B 541 -10.59 25.80 12.32
CA PRO B 541 -11.17 26.33 11.08
C PRO B 541 -10.62 25.65 9.83
N VAL B 542 -11.37 25.75 8.73
CA VAL B 542 -10.97 25.15 7.46
C VAL B 542 -9.76 25.82 6.85
N PHE B 543 -9.71 27.15 6.90
CA PHE B 543 -8.57 27.83 6.31
C PHE B 543 -7.58 28.38 7.32
N ASP B 544 -7.64 27.87 8.55
CA ASP B 544 -6.73 28.31 9.60
C ASP B 544 -5.46 27.50 9.42
N ALA B 545 -4.31 28.15 9.53
CA ALA B 545 -3.03 27.47 9.35
C ALA B 545 -1.92 28.23 10.05
N PRO B 546 -0.82 27.53 10.41
CA PRO B 546 0.27 28.23 11.09
C PRO B 546 0.84 29.30 10.16
N GLN B 547 1.49 30.29 10.72
CA GLN B 547 2.07 31.38 9.94
C GLN B 547 3.05 30.93 8.86
N ASN B 548 4.12 30.27 9.28
CA ASN B 548 5.15 29.80 8.36
C ASN B 548 4.63 29.17 7.05
N LEU B 549 3.49 28.48 7.12
CA LEU B 549 2.92 27.84 5.93
C LEU B 549 2.11 28.77 5.03
N VAL B 550 1.31 29.64 5.63
CA VAL B 550 0.48 30.57 4.87
C VAL B 550 1.35 31.55 4.07
N GLU B 551 2.65 31.51 4.33
CA GLU B 551 3.59 32.40 3.65
C GLU B 551 4.14 31.77 2.37
N GLN B 552 4.57 30.51 2.44
CA GLN B 552 5.10 29.83 1.26
C GLN B 552 3.93 29.33 0.43
N ALA B 553 2.75 29.30 1.05
CA ALA B 553 1.53 28.83 0.38
C ALA B 553 1.23 29.69 -0.83
N LYS B 554 1.65 30.95 -0.78
CA LYS B 554 1.42 31.89 -1.87
C LYS B 554 2.27 31.61 -3.11
N LEU B 555 3.57 31.41 -2.90
CA LEU B 555 4.48 31.12 -4.03
C LEU B 555 4.42 29.63 -4.41
N THR B 556 4.14 28.79 -3.42
CA THR B 556 4.04 27.34 -3.63
C THR B 556 3.12 26.69 -2.60
#